data_1L3C
#
_entry.id   1L3C
#
_cell.length_a   141.3
_cell.length_b   59.6
_cell.length_c   98.7
_cell.angle_alpha   90
_cell.angle_beta   113.9
_cell.angle_gamma   90
#
_symmetry.space_group_name_H-M   'C 1 2 1'
#
loop_
_entity.id
_entity.type
_entity.pdbx_description
1 polymer 'Precorrin-6y methyltransferase/putative decarboxylase'
2 water water
#
_entity_poly.entity_id   1
_entity_poly.type   'polypeptide(L)'
_entity_poly.pdbx_seq_one_letter_code
;(MSE)IPDDEFIKNPSVPGPTA(MSE)EVRCLI(MSE)CLAEPGKNDVAVDVGCGTGGVTLELAGRVRRVYAIDRNPEAI
STTE(MSE)NLQRHGLGDNVTL(MSE)EGDAPEALCKIPDIDIAVVGGSGGELQEILRIIKDKLKPGGRIIVTAILLETK
FEA(MSE)ECLRDLGFDVNITELNIARGRALDRGT(MSE)(MSE)VSRNPVALIYTGVSHENKD
;
_entity_poly.pdbx_strand_id   A,B,C,D
#
# COMPACT_ATOMS: atom_id res chain seq x y z
N MSE A 1 -19.53 -10.04 9.08
CA MSE A 1 -19.10 -9.12 10.19
C MSE A 1 -19.79 -7.78 9.97
O MSE A 1 -20.21 -7.50 8.86
CB MSE A 1 -17.58 -8.95 10.15
CG MSE A 1 -17.02 -8.13 11.30
SE MSE A 1 -15.13 -8.51 11.68
CE MSE A 1 -15.19 -10.47 11.73
N ILE A 2 -19.92 -6.99 11.03
CA ILE A 2 -20.58 -5.68 10.94
C ILE A 2 -19.75 -4.69 10.15
N PRO A 3 -20.28 -4.14 9.04
CA PRO A 3 -19.54 -3.16 8.24
C PRO A 3 -19.51 -1.77 8.89
N ASP A 4 -18.46 -1.02 8.58
CA ASP A 4 -18.24 0.32 9.12
C ASP A 4 -19.44 1.26 9.08
N ASP A 5 -20.23 1.18 8.02
CA ASP A 5 -21.41 2.04 7.87
C ASP A 5 -22.59 1.76 8.81
N GLU A 6 -22.63 0.59 9.42
CA GLU A 6 -23.72 0.23 10.33
C GLU A 6 -23.42 0.51 11.78
N PHE A 7 -22.47 1.42 11.99
CA PHE A 7 -22.06 1.82 13.32
C PHE A 7 -22.55 3.23 13.57
N ILE A 8 -22.86 3.51 14.83
CA ILE A 8 -23.32 4.81 15.28
C ILE A 8 -22.03 5.56 15.60
N LYS A 9 -21.82 6.68 14.93
CA LYS A 9 -20.62 7.50 15.12
C LYS A 9 -20.86 8.71 16.02
N ASN A 10 -19.79 9.28 16.53
CA ASN A 10 -19.86 10.46 17.38
C ASN A 10 -18.65 11.31 17.02
N PRO A 11 -18.83 12.64 17.01
CA PRO A 11 -17.74 13.57 16.66
C PRO A 11 -16.43 13.44 17.45
N SER A 12 -16.50 13.41 18.78
CA SER A 12 -15.29 13.32 19.60
C SER A 12 -14.73 11.92 19.74
N VAL A 13 -15.41 10.94 19.14
CA VAL A 13 -14.98 9.54 19.23
C VAL A 13 -14.51 8.95 17.89
N PRO A 14 -13.23 8.56 17.82
CA PRO A 14 -12.66 7.98 16.61
C PRO A 14 -13.17 6.54 16.36
N GLY A 15 -13.08 6.10 15.10
CA GLY A 15 -13.51 4.76 14.75
C GLY A 15 -14.73 4.84 13.85
N PRO A 16 -15.31 3.69 13.49
CA PRO A 16 -14.85 2.37 13.91
C PRO A 16 -13.58 1.95 13.16
N THR A 17 -12.86 1.01 13.76
CA THR A 17 -11.68 0.44 13.15
C THR A 17 -12.21 -0.16 11.85
N ALA A 18 -11.50 0.04 10.75
CA ALA A 18 -11.90 -0.51 9.47
C ALA A 18 -12.18 -2.01 9.62
N MSE A 19 -13.25 -2.46 8.99
CA MSE A 19 -13.67 -3.85 9.06
C MSE A 19 -12.55 -4.84 8.77
O MSE A 19 -12.43 -5.84 9.44
CB MSE A 19 -14.80 -4.10 8.10
CG MSE A 19 -15.58 -5.35 8.38
SE MSE A 19 -16.38 -5.96 6.75
CE MSE A 19 -18.24 -6.02 7.20
N GLU A 20 -11.74 -4.53 7.76
CA GLU A 20 -10.64 -5.42 7.36
C GLU A 20 -9.62 -5.60 8.50
N VAL A 21 -9.44 -4.56 9.33
CA VAL A 21 -8.54 -4.62 10.47
C VAL A 21 -9.18 -5.44 11.57
N ARG A 22 -10.45 -5.18 11.86
CA ARG A 22 -11.20 -5.90 12.90
C ARG A 22 -11.22 -7.40 12.56
N CYS A 23 -11.26 -7.68 11.26
CA CYS A 23 -11.26 -9.04 10.81
C CYS A 23 -9.96 -9.71 11.25
N LEU A 24 -8.84 -9.04 11.00
CA LEU A 24 -7.53 -9.58 11.35
C LEU A 24 -7.32 -9.67 12.88
N ILE A 25 -7.82 -8.67 13.61
CA ILE A 25 -7.70 -8.69 15.07
C ILE A 25 -8.36 -9.97 15.61
N MSE A 26 -9.55 -10.29 15.09
CA MSE A 26 -10.28 -11.49 15.50
C MSE A 26 -9.52 -12.74 15.22
O MSE A 26 -9.54 -13.68 16.01
CB MSE A 26 -11.65 -11.58 14.85
CG MSE A 26 -12.65 -10.58 15.41
SE MSE A 26 -12.50 -10.30 17.35
CE MSE A 26 -13.75 -11.65 17.95
N CYS A 27 -8.86 -12.77 14.08
CA CYS A 27 -8.09 -13.93 13.69
C CYS A 27 -6.86 -14.13 14.58
N LEU A 28 -6.21 -13.03 14.93
CA LEU A 28 -5.02 -13.07 15.79
C LEU A 28 -5.36 -13.40 17.22
N ALA A 29 -6.50 -12.88 17.68
CA ALA A 29 -6.99 -13.10 19.03
C ALA A 29 -7.41 -14.55 19.28
N GLU A 30 -7.93 -15.22 18.25
CA GLU A 30 -8.41 -16.60 18.38
C GLU A 30 -9.37 -16.70 19.58
N PRO A 31 -10.48 -15.95 19.56
CA PRO A 31 -11.48 -15.92 20.63
C PRO A 31 -12.16 -17.24 20.93
N GLY A 32 -12.01 -17.71 22.17
CA GLY A 32 -12.67 -18.92 22.58
C GLY A 32 -13.92 -18.53 23.40
N LYS A 33 -14.95 -19.38 23.37
CA LYS A 33 -16.19 -19.09 24.10
C LYS A 33 -16.02 -18.98 25.62
N ASN A 34 -14.88 -19.43 26.15
CA ASN A 34 -14.63 -19.33 27.58
C ASN A 34 -13.53 -18.32 27.90
N ASP A 35 -13.16 -17.50 26.92
CA ASP A 35 -12.13 -16.50 27.12
C ASP A 35 -12.64 -15.18 27.67
N VAL A 36 -11.83 -14.57 28.52
CA VAL A 36 -12.13 -13.27 29.11
C VAL A 36 -11.22 -12.30 28.34
N ALA A 37 -11.82 -11.27 27.79
CA ALA A 37 -11.07 -10.31 27.01
C ALA A 37 -11.25 -8.87 27.50
N VAL A 38 -10.20 -8.07 27.31
CA VAL A 38 -10.25 -6.65 27.63
C VAL A 38 -9.94 -5.83 26.37
N ASP A 39 -10.70 -4.77 26.18
CA ASP A 39 -10.54 -3.88 25.05
C ASP A 39 -10.20 -2.50 25.60
N VAL A 40 -8.92 -2.15 25.62
CA VAL A 40 -8.51 -0.85 26.15
C VAL A 40 -8.63 0.21 25.06
N GLY A 41 -9.47 1.20 25.30
CA GLY A 41 -9.70 2.26 24.33
C GLY A 41 -10.67 1.75 23.30
N CYS A 42 -11.85 1.34 23.75
CA CYS A 42 -12.87 0.78 22.87
C CYS A 42 -13.48 1.69 21.80
N GLY A 43 -13.28 3.00 21.90
CA GLY A 43 -13.81 3.94 20.89
C GLY A 43 -15.28 3.80 20.51
N THR A 44 -15.54 3.60 19.23
CA THR A 44 -16.90 3.44 18.72
C THR A 44 -17.43 2.05 19.08
N GLY A 45 -16.57 1.15 19.52
CA GLY A 45 -17.02 -0.18 19.89
C GLY A 45 -16.84 -1.29 18.88
N GLY A 46 -16.10 -1.03 17.81
CA GLY A 46 -15.89 -2.03 16.77
C GLY A 46 -15.38 -3.37 17.26
N VAL A 47 -14.25 -3.34 17.95
CA VAL A 47 -13.63 -4.55 18.48
C VAL A 47 -14.48 -5.15 19.61
N THR A 48 -15.09 -4.30 20.42
CA THR A 48 -15.90 -4.78 21.53
C THR A 48 -17.06 -5.63 21.01
N LEU A 49 -17.71 -5.16 19.93
CA LEU A 49 -18.85 -5.85 19.31
C LEU A 49 -18.47 -7.23 18.83
N GLU A 50 -17.36 -7.29 18.10
CA GLU A 50 -16.89 -8.56 17.58
C GLU A 50 -16.50 -9.54 18.69
N LEU A 51 -15.82 -9.06 19.71
CA LEU A 51 -15.43 -9.93 20.81
C LEU A 51 -16.66 -10.41 21.58
N ALA A 52 -17.59 -9.48 21.84
CA ALA A 52 -18.80 -9.77 22.58
C ALA A 52 -19.48 -11.05 22.09
N GLY A 53 -19.73 -11.16 20.80
CA GLY A 53 -20.35 -12.37 20.29
C GLY A 53 -19.45 -13.60 20.19
N ARG A 54 -18.25 -13.61 20.78
CA ARG A 54 -17.37 -14.78 20.68
C ARG A 54 -16.67 -15.26 21.95
N VAL A 55 -16.60 -14.41 22.97
CA VAL A 55 -15.96 -14.84 24.21
C VAL A 55 -16.95 -14.84 25.38
N ARG A 56 -16.49 -15.27 26.54
CA ARG A 56 -17.33 -15.32 27.73
C ARG A 56 -17.59 -13.93 28.32
N ARG A 57 -16.54 -13.15 28.53
CA ARG A 57 -16.71 -11.82 29.10
C ARG A 57 -15.79 -10.81 28.41
N VAL A 58 -16.28 -9.59 28.20
CA VAL A 58 -15.52 -8.53 27.58
C VAL A 58 -15.55 -7.34 28.51
N TYR A 59 -14.39 -6.76 28.81
CA TYR A 59 -14.32 -5.57 29.64
C TYR A 59 -13.86 -4.50 28.68
N ALA A 60 -14.71 -3.51 28.44
CA ALA A 60 -14.41 -2.41 27.54
C ALA A 60 -14.06 -1.17 28.36
N ILE A 61 -12.88 -0.61 28.12
CA ILE A 61 -12.40 0.55 28.86
C ILE A 61 -12.12 1.74 27.94
N ASP A 62 -12.38 2.95 28.44
CA ASP A 62 -12.09 4.19 27.71
C ASP A 62 -12.21 5.37 28.66
N ARG A 63 -11.31 6.36 28.52
CA ARG A 63 -11.34 7.56 29.36
C ARG A 63 -12.51 8.44 28.91
N ASN A 64 -12.65 8.58 27.59
CA ASN A 64 -13.71 9.39 26.98
C ASN A 64 -15.11 8.81 27.25
N PRO A 65 -15.96 9.56 27.96
CA PRO A 65 -17.32 9.14 28.30
C PRO A 65 -18.17 8.92 27.06
N GLU A 66 -17.92 9.74 26.03
CA GLU A 66 -18.64 9.67 24.77
C GLU A 66 -18.41 8.31 24.10
N ALA A 67 -17.21 7.77 24.30
CA ALA A 67 -16.84 6.49 23.70
C ALA A 67 -17.60 5.35 24.38
N ILE A 68 -17.62 5.38 25.71
CA ILE A 68 -18.35 4.35 26.48
C ILE A 68 -19.81 4.38 26.01
N SER A 69 -20.31 5.60 25.87
CA SER A 69 -21.68 5.86 25.43
C SER A 69 -21.95 5.29 24.03
N THR A 70 -21.06 5.60 23.07
CA THR A 70 -21.21 5.10 21.70
C THR A 70 -21.09 3.59 21.64
N THR A 71 -20.16 3.04 22.40
CA THR A 71 -19.99 1.58 22.43
C THR A 71 -21.27 0.97 22.96
N GLU A 72 -21.82 1.58 24.01
CA GLU A 72 -23.05 1.15 24.63
C GLU A 72 -24.18 1.07 23.57
N MSE A 73 -24.32 2.13 22.79
CA MSE A 73 -25.35 2.19 21.74
C MSE A 73 -25.21 1.15 20.67
O MSE A 73 -26.21 0.54 20.26
CB MSE A 73 -25.34 3.53 21.08
CG MSE A 73 -25.90 4.60 21.92
SE MSE A 73 -26.05 6.20 20.90
CE MSE A 73 -24.57 7.18 21.59
N ASN A 74 -24.00 1.02 20.15
CA ASN A 74 -23.76 0.02 19.12
C ASN A 74 -24.01 -1.40 19.64
N LEU A 75 -23.71 -1.64 20.91
CA LEU A 75 -23.95 -2.92 21.51
C LEU A 75 -25.44 -3.22 21.46
N GLN A 76 -26.25 -2.26 21.88
CA GLN A 76 -27.70 -2.42 21.88
C GLN A 76 -28.31 -2.66 20.52
N ARG A 77 -27.91 -1.86 19.54
CA ARG A 77 -28.44 -1.99 18.19
C ARG A 77 -28.23 -3.35 17.57
N HIS A 78 -27.27 -4.11 18.10
CA HIS A 78 -26.98 -5.43 17.56
C HIS A 78 -27.30 -6.52 18.56
N GLY A 79 -27.97 -6.17 19.65
CA GLY A 79 -28.37 -7.14 20.66
C GLY A 79 -27.26 -7.87 21.41
N LEU A 80 -26.17 -7.16 21.67
CA LEU A 80 -25.04 -7.73 22.39
C LEU A 80 -24.84 -6.86 23.61
N GLY A 81 -23.89 -7.22 24.47
CA GLY A 81 -23.61 -6.40 25.64
C GLY A 81 -23.97 -7.00 26.98
N ASP A 82 -24.60 -8.17 26.95
CA ASP A 82 -25.01 -8.84 28.18
C ASP A 82 -23.74 -9.30 28.86
N ASN A 83 -22.76 -9.68 28.04
CA ASN A 83 -21.49 -10.14 28.56
C ASN A 83 -20.39 -9.08 28.46
N VAL A 84 -20.78 -7.80 28.38
CA VAL A 84 -19.78 -6.72 28.27
C VAL A 84 -19.87 -5.80 29.46
N THR A 85 -18.74 -5.59 30.12
CA THR A 85 -18.66 -4.68 31.26
C THR A 85 -18.00 -3.39 30.78
N LEU A 86 -18.77 -2.31 30.70
CA LEU A 86 -18.21 -1.05 30.26
C LEU A 86 -17.56 -0.39 31.48
N MSE A 87 -16.44 0.29 31.28
CA MSE A 87 -15.75 0.94 32.37
C MSE A 87 -15.19 2.28 31.95
O MSE A 87 -14.28 2.35 31.10
CB MSE A 87 -14.60 0.11 32.85
CG MSE A 87 -14.91 -0.77 34.00
SE MSE A 87 -13.56 -2.16 34.04
CE MSE A 87 -14.27 -3.18 32.59
N GLU A 88 -15.72 3.34 32.52
CA GLU A 88 -15.21 4.66 32.18
C GLU A 88 -14.05 4.99 33.11
N GLY A 89 -13.15 5.84 32.63
CA GLY A 89 -12.02 6.22 33.44
C GLY A 89 -10.68 5.81 32.87
N ASP A 90 -9.64 6.26 33.56
CA ASP A 90 -8.25 6.03 33.23
C ASP A 90 -7.91 4.55 33.12
N ALA A 91 -7.41 4.16 31.96
CA ALA A 91 -7.04 2.77 31.67
C ALA A 91 -6.26 1.99 32.75
N PRO A 92 -5.13 2.54 33.24
CA PRO A 92 -4.34 1.84 34.27
C PRO A 92 -5.11 1.47 35.56
N GLU A 93 -5.94 2.40 36.03
CA GLU A 93 -6.72 2.17 37.23
C GLU A 93 -7.77 1.09 37.01
N ALA A 94 -8.51 1.20 35.90
CA ALA A 94 -9.57 0.24 35.54
C ALA A 94 -9.02 -1.18 35.37
N LEU A 95 -7.88 -1.30 34.74
CA LEU A 95 -7.27 -2.61 34.52
C LEU A 95 -6.94 -3.34 35.82
N CYS A 96 -6.66 -2.57 36.87
CA CYS A 96 -6.31 -3.17 38.17
C CYS A 96 -7.50 -3.86 38.82
N LYS A 97 -8.71 -3.44 38.44
CA LYS A 97 -9.95 -3.98 38.99
C LYS A 97 -10.56 -5.13 38.19
N ILE A 98 -9.85 -5.61 37.18
CA ILE A 98 -10.36 -6.66 36.30
C ILE A 98 -9.73 -8.03 36.59
N PRO A 99 -10.45 -9.12 36.27
CA PRO A 99 -9.94 -10.48 36.50
C PRO A 99 -8.75 -10.69 35.57
N ASP A 100 -8.16 -11.88 35.62
CA ASP A 100 -7.06 -12.20 34.71
C ASP A 100 -7.68 -12.36 33.32
N ILE A 101 -6.92 -12.05 32.27
CA ILE A 101 -7.41 -12.07 30.88
C ILE A 101 -6.72 -13.02 29.93
N ASP A 102 -7.49 -13.47 28.94
CA ASP A 102 -7.01 -14.38 27.90
C ASP A 102 -6.59 -13.58 26.67
N ILE A 103 -7.35 -12.51 26.37
CA ILE A 103 -7.11 -11.67 25.20
C ILE A 103 -7.14 -10.21 25.60
N ALA A 104 -6.17 -9.44 25.11
CA ALA A 104 -6.12 -8.01 25.39
C ALA A 104 -5.87 -7.29 24.09
N VAL A 105 -6.77 -6.38 23.73
CA VAL A 105 -6.64 -5.57 22.53
C VAL A 105 -6.50 -4.11 23.01
N VAL A 106 -5.42 -3.45 22.61
CA VAL A 106 -5.16 -2.10 23.04
C VAL A 106 -5.25 -1.18 21.87
N GLY A 107 -6.30 -0.37 21.83
CA GLY A 107 -6.49 0.57 20.75
C GLY A 107 -5.87 1.89 21.14
N GLY A 108 -6.72 2.83 21.55
CA GLY A 108 -6.27 4.16 21.93
C GLY A 108 -5.32 4.10 23.12
N SER A 109 -4.03 3.93 22.82
CA SER A 109 -2.99 3.85 23.84
C SER A 109 -3.09 5.01 24.86
N GLY A 110 -3.63 6.13 24.41
CA GLY A 110 -3.83 7.28 25.27
C GLY A 110 -2.59 7.74 26.02
N GLY A 111 -1.43 7.64 25.38
CA GLY A 111 -0.19 8.08 26.02
C GLY A 111 0.45 7.15 27.05
N GLU A 112 -0.36 6.41 27.80
CA GLU A 112 0.12 5.50 28.84
C GLU A 112 0.34 4.06 28.38
N LEU A 113 0.67 3.88 27.11
CA LEU A 113 0.89 2.54 26.56
C LEU A 113 1.82 1.64 27.38
N GLN A 114 2.99 2.16 27.70
CA GLN A 114 3.97 1.39 28.45
C GLN A 114 3.42 0.86 29.76
N GLU A 115 2.70 1.69 30.49
CA GLU A 115 2.12 1.30 31.77
C GLU A 115 1.00 0.29 31.59
N ILE A 116 0.14 0.53 30.61
CA ILE A 116 -0.98 -0.36 30.28
C ILE A 116 -0.45 -1.74 29.92
N LEU A 117 0.61 -1.81 29.13
CA LEU A 117 1.18 -3.11 28.74
C LEU A 117 1.78 -3.85 29.90
N ARG A 118 2.43 -3.13 30.82
CA ARG A 118 3.01 -3.78 31.99
C ARG A 118 1.91 -4.42 32.82
N ILE A 119 0.88 -3.63 33.10
CA ILE A 119 -0.26 -4.11 33.86
C ILE A 119 -0.85 -5.33 33.15
N ILE A 120 -1.16 -5.19 31.87
CA ILE A 120 -1.72 -6.31 31.11
C ILE A 120 -0.84 -7.54 31.18
N LYS A 121 0.49 -7.37 31.24
CA LYS A 121 1.35 -8.54 31.31
C LYS A 121 1.14 -9.31 32.62
N ASP A 122 0.86 -8.58 33.70
CA ASP A 122 0.65 -9.19 35.01
C ASP A 122 -0.71 -9.90 35.15
N LYS A 123 -1.61 -9.67 34.20
CA LYS A 123 -2.92 -10.30 34.30
C LYS A 123 -3.16 -11.28 33.18
N LEU A 124 -2.18 -11.49 32.34
CA LEU A 124 -2.37 -12.36 31.20
C LEU A 124 -2.34 -13.83 31.60
N LYS A 125 -3.41 -14.54 31.28
CA LYS A 125 -3.49 -15.96 31.59
C LYS A 125 -2.51 -16.66 30.66
N PRO A 126 -2.01 -17.84 31.06
CA PRO A 126 -1.06 -18.54 30.19
C PRO A 126 -1.70 -18.81 28.82
N GLY A 127 -0.94 -18.58 27.76
CA GLY A 127 -1.45 -18.78 26.41
C GLY A 127 -2.24 -17.57 25.91
N GLY A 128 -2.26 -16.51 26.72
CA GLY A 128 -2.95 -15.28 26.35
C GLY A 128 -2.30 -14.55 25.19
N ARG A 129 -3.07 -13.66 24.58
CA ARG A 129 -2.62 -12.88 23.44
C ARG A 129 -2.84 -11.37 23.63
N ILE A 130 -1.86 -10.56 23.23
CA ILE A 130 -1.97 -9.10 23.27
C ILE A 130 -1.87 -8.59 21.82
N ILE A 131 -2.75 -7.66 21.45
CA ILE A 131 -2.77 -7.09 20.11
C ILE A 131 -2.88 -5.59 20.30
N VAL A 132 -1.90 -4.87 19.78
CA VAL A 132 -1.86 -3.41 19.87
C VAL A 132 -2.13 -2.83 18.49
N THR A 133 -3.06 -1.88 18.46
CA THR A 133 -3.51 -1.18 17.26
C THR A 133 -2.72 0.12 17.20
N ALA A 134 -1.95 0.33 16.14
CA ALA A 134 -1.15 1.55 16.04
C ALA A 134 -1.44 2.41 14.81
N ILE A 135 -1.70 3.68 15.08
CA ILE A 135 -2.00 4.69 14.06
C ILE A 135 -0.82 5.63 13.97
N LEU A 136 -0.21 5.89 15.12
CA LEU A 136 0.93 6.78 15.19
C LEU A 136 2.20 5.98 14.99
N LEU A 137 3.15 6.62 14.33
CA LEU A 137 4.43 6.02 14.07
C LEU A 137 5.15 5.66 15.39
N GLU A 138 4.93 6.47 16.41
CA GLU A 138 5.59 6.28 17.71
C GLU A 138 5.04 5.09 18.47
N THR A 139 3.74 4.84 18.32
CA THR A 139 3.09 3.70 18.94
C THR A 139 3.65 2.41 18.35
N LYS A 140 3.85 2.38 17.03
CA LYS A 140 4.39 1.18 16.38
C LYS A 140 5.73 0.83 17.01
N PHE A 141 6.56 1.85 17.18
CA PHE A 141 7.87 1.63 17.77
C PHE A 141 7.81 1.26 19.25
N GLU A 142 7.11 2.08 20.01
CA GLU A 142 6.95 1.89 21.44
C GLU A 142 6.36 0.53 21.81
N ALA A 143 5.33 0.09 21.08
CA ALA A 143 4.68 -1.19 21.35
C ALA A 143 5.67 -2.32 21.14
N MSE A 144 6.37 -2.26 20.01
CA MSE A 144 7.35 -3.27 19.67
C MSE A 144 8.37 -3.40 20.79
O MSE A 144 8.67 -4.49 21.27
CB MSE A 144 8.08 -2.84 18.41
CG MSE A 144 7.24 -2.93 17.16
SE MSE A 144 7.57 -4.58 16.37
CE MSE A 144 9.50 -4.34 16.18
N GLU A 145 8.89 -2.25 21.19
CA GLU A 145 9.89 -2.18 22.23
C GLU A 145 9.41 -2.73 23.58
N CYS A 146 8.30 -2.21 24.10
CA CYS A 146 7.76 -2.68 25.37
C CYS A 146 7.56 -4.16 25.42
N LEU A 147 6.75 -4.68 24.49
CA LEU A 147 6.45 -6.09 24.45
C LEU A 147 7.70 -6.95 24.43
N ARG A 148 8.73 -6.47 23.75
CA ARG A 148 10.00 -7.22 23.68
C ARG A 148 10.73 -7.14 25.02
N ASP A 149 10.64 -5.99 25.66
CA ASP A 149 11.27 -5.77 26.95
C ASP A 149 10.52 -6.47 28.08
N LEU A 150 9.28 -6.90 27.79
CA LEU A 150 8.48 -7.62 28.76
C LEU A 150 8.63 -9.10 28.46
N GLY A 151 9.52 -9.44 27.53
CA GLY A 151 9.79 -10.84 27.21
C GLY A 151 8.91 -11.61 26.25
N PHE A 152 8.10 -10.92 25.47
CA PHE A 152 7.26 -11.62 24.51
C PHE A 152 7.98 -11.67 23.17
N ASP A 153 7.56 -12.61 22.33
CA ASP A 153 8.07 -12.68 20.97
C ASP A 153 7.04 -11.83 20.23
N VAL A 154 7.51 -10.74 19.65
CA VAL A 154 6.69 -9.75 18.98
C VAL A 154 6.70 -9.81 17.44
N ASN A 155 5.54 -9.49 16.86
CA ASN A 155 5.33 -9.46 15.43
C ASN A 155 4.57 -8.19 15.07
N ILE A 156 4.65 -7.79 13.80
CA ILE A 156 3.95 -6.62 13.32
C ILE A 156 3.51 -6.78 11.89
N THR A 157 2.29 -6.36 11.62
CA THR A 157 1.71 -6.43 10.29
C THR A 157 1.04 -5.08 10.00
N GLU A 158 1.40 -4.48 8.87
CA GLU A 158 0.82 -3.21 8.43
C GLU A 158 -0.17 -3.44 7.31
N LEU A 159 -1.36 -2.89 7.44
CA LEU A 159 -2.34 -3.04 6.40
C LEU A 159 -2.68 -1.75 5.69
N ASN A 160 -2.71 -1.84 4.36
CA ASN A 160 -3.07 -0.72 3.53
C ASN A 160 -4.23 -1.24 2.75
N ILE A 161 -5.39 -0.65 2.99
CA ILE A 161 -6.63 -1.07 2.38
C ILE A 161 -7.22 -0.01 1.45
N ALA A 162 -7.76 -0.44 0.32
CA ALA A 162 -8.40 0.44 -0.61
C ALA A 162 -9.71 -0.27 -0.96
N ARG A 163 -10.80 0.48 -0.97
CA ARG A 163 -12.12 -0.04 -1.27
C ARG A 163 -12.60 0.72 -2.49
N GLY A 164 -13.35 0.06 -3.36
CA GLY A 164 -13.83 0.75 -4.54
C GLY A 164 -15.09 1.55 -4.22
N ARG A 165 -15.21 2.75 -4.78
CA ARG A 165 -16.40 3.58 -4.59
C ARG A 165 -17.01 3.70 -5.98
N ALA A 166 -18.25 3.25 -6.11
CA ALA A 166 -18.96 3.32 -7.37
C ALA A 166 -19.33 4.76 -7.71
N LEU A 167 -18.75 5.26 -8.79
CA LEU A 167 -19.03 6.60 -9.28
C LEU A 167 -19.71 6.37 -10.61
N ASP A 168 -20.27 7.41 -11.22
CA ASP A 168 -20.94 7.23 -12.48
C ASP A 168 -19.93 6.84 -13.54
N ARG A 169 -18.82 7.56 -13.54
CA ARG A 169 -17.74 7.33 -14.48
C ARG A 169 -17.05 5.96 -14.29
N GLY A 170 -17.14 5.38 -13.09
CA GLY A 170 -16.51 4.10 -12.84
C GLY A 170 -16.22 3.85 -11.37
N THR A 171 -15.31 2.92 -11.09
CA THR A 171 -14.93 2.57 -9.72
C THR A 171 -13.60 3.18 -9.31
N MSE A 172 -13.60 4.14 -8.39
CA MSE A 172 -12.33 4.68 -7.99
C MSE A 172 -11.93 4.02 -6.67
O MSE A 172 -12.79 3.67 -5.87
CB MSE A 172 -12.38 6.19 -7.87
CG MSE A 172 -13.06 6.68 -6.65
SE MSE A 172 -12.52 8.46 -6.45
CE MSE A 172 -14.07 9.21 -5.54
N MSE A 173 -10.64 3.76 -6.50
CA MSE A 173 -10.20 3.14 -5.27
C MSE A 173 -9.93 4.21 -4.25
O MSE A 173 -9.19 5.15 -4.53
CB MSE A 173 -8.93 2.33 -5.53
CG MSE A 173 -9.09 1.27 -6.61
SE MSE A 173 -10.47 -0.12 -6.35
CE MSE A 173 -9.72 -0.96 -4.77
N VAL A 174 -10.52 4.05 -3.06
CA VAL A 174 -10.35 4.99 -1.96
C VAL A 174 -9.59 4.34 -0.83
N SER A 175 -8.51 4.99 -0.40
CA SER A 175 -7.65 4.50 0.65
C SER A 175 -8.08 4.78 2.05
N ARG A 176 -7.65 3.90 2.94
CA ARG A 176 -7.86 3.98 4.36
C ARG A 176 -6.46 4.29 4.89
N ASN A 177 -6.35 4.99 6.02
CA ASN A 177 -5.01 5.26 6.55
C ASN A 177 -4.39 3.94 6.98
N PRO A 178 -3.08 3.79 6.81
CA PRO A 178 -2.41 2.55 7.20
C PRO A 178 -2.62 2.24 8.69
N VAL A 179 -2.82 0.98 9.04
CA VAL A 179 -2.97 0.57 10.43
C VAL A 179 -2.00 -0.60 10.67
N ALA A 180 -1.26 -0.55 11.76
CA ALA A 180 -0.33 -1.61 12.10
C ALA A 180 -0.83 -2.40 13.32
N LEU A 181 -0.64 -3.70 13.29
CA LEU A 181 -1.04 -4.53 14.41
C LEU A 181 0.23 -5.15 14.97
N ILE A 182 0.53 -4.86 16.24
CA ILE A 182 1.69 -5.42 16.91
C ILE A 182 1.11 -6.49 17.81
N TYR A 183 1.58 -7.72 17.69
CA TYR A 183 1.00 -8.78 18.49
C TYR A 183 2.03 -9.74 19.06
N THR A 184 1.71 -10.34 20.20
CA THR A 184 2.62 -11.28 20.85
C THR A 184 2.28 -12.70 20.42
N GLY A 185 3.25 -13.61 20.55
CA GLY A 185 3.01 -15.00 20.20
C GLY A 185 1.87 -15.62 21.00
N VAL A 186 1.31 -16.71 20.48
CA VAL A 186 0.21 -17.42 21.13
C VAL A 186 0.80 -18.47 22.08
N MSE B 1 10.01 21.00 -6.44
CA MSE B 1 8.75 20.97 -7.26
C MSE B 1 7.63 21.65 -6.47
O MSE B 1 7.70 21.73 -5.24
CB MSE B 1 8.39 19.53 -7.58
CG MSE B 1 7.19 19.36 -8.50
SE MSE B 1 7.16 17.66 -9.42
CE MSE B 1 9.03 17.60 -10.05
N ILE B 2 6.58 22.13 -7.16
CA ILE B 2 5.47 22.81 -6.50
C ILE B 2 4.61 21.84 -5.68
N PRO B 3 4.47 22.09 -4.37
CA PRO B 3 3.65 21.19 -3.53
C PRO B 3 2.16 21.42 -3.72
N ASP B 4 1.38 20.38 -3.46
CA ASP B 4 -0.08 20.39 -3.62
C ASP B 4 -0.78 21.58 -2.99
N ASP B 5 -0.29 22.03 -1.83
CA ASP B 5 -0.89 23.15 -1.12
C ASP B 5 -0.72 24.54 -1.77
N GLU B 6 0.23 24.69 -2.68
CA GLU B 6 0.48 25.97 -3.32
C GLU B 6 -0.24 26.13 -4.64
N PHE B 7 -1.30 25.32 -4.82
CA PHE B 7 -2.12 25.36 -6.02
C PHE B 7 -3.46 25.96 -5.69
N ILE B 8 -4.03 26.64 -6.68
CA ILE B 8 -5.34 27.28 -6.57
C ILE B 8 -6.32 26.18 -6.97
N LYS B 9 -7.24 25.87 -6.08
CA LYS B 9 -8.22 24.82 -6.30
C LYS B 9 -9.58 25.40 -6.69
N ASN B 10 -10.41 24.53 -7.25
CA ASN B 10 -11.75 24.90 -7.66
C ASN B 10 -12.63 23.69 -7.38
N PRO B 11 -13.88 23.92 -6.96
CA PRO B 11 -14.83 22.85 -6.64
C PRO B 11 -15.10 21.80 -7.74
N SER B 12 -15.42 22.27 -8.94
CA SER B 12 -15.71 21.35 -10.05
C SER B 12 -14.47 20.78 -10.76
N VAL B 13 -13.28 21.18 -10.34
CA VAL B 13 -12.05 20.73 -10.96
C VAL B 13 -11.21 19.88 -10.02
N PRO B 14 -10.98 18.61 -10.41
CA PRO B 14 -10.18 17.68 -9.60
C PRO B 14 -8.70 18.03 -9.67
N GLY B 15 -7.95 17.55 -8.69
CA GLY B 15 -6.51 17.79 -8.65
C GLY B 15 -6.14 18.70 -7.51
N PRO B 16 -4.87 19.08 -7.37
CA PRO B 16 -3.78 18.67 -8.26
C PRO B 16 -3.35 17.24 -8.04
N THR B 17 -2.73 16.67 -9.05
CA THR B 17 -2.20 15.31 -8.98
C THR B 17 -1.20 15.38 -7.81
N ALA B 18 -1.17 14.37 -6.96
CA ALA B 18 -0.23 14.35 -5.85
C ALA B 18 1.18 14.61 -6.36
N MSE B 19 1.92 15.42 -5.64
CA MSE B 19 3.27 15.77 -6.03
C MSE B 19 4.13 14.58 -6.33
O MSE B 19 4.91 14.61 -7.28
CB MSE B 19 3.93 16.56 -4.91
CG MSE B 19 5.19 17.28 -5.34
SE MSE B 19 6.45 17.54 -3.87
CE MSE B 19 6.49 19.46 -3.78
N GLU B 20 4.00 13.52 -5.54
CA GLU B 20 4.79 12.30 -5.72
C GLU B 20 4.52 11.65 -7.07
N VAL B 21 3.29 11.78 -7.56
CA VAL B 21 2.91 11.25 -8.87
C VAL B 21 3.49 12.15 -9.98
N ARG B 22 3.32 13.47 -9.82
CA ARG B 22 3.85 14.43 -10.78
C ARG B 22 5.37 14.28 -10.92
N CYS B 23 5.98 13.89 -9.82
CA CYS B 23 7.40 13.67 -9.82
C CYS B 23 7.74 12.49 -10.75
N LEU B 24 7.02 11.38 -10.60
CA LEU B 24 7.26 10.21 -11.45
C LEU B 24 6.88 10.47 -12.91
N ILE B 25 5.82 11.23 -13.15
CA ILE B 25 5.42 11.54 -14.52
C ILE B 25 6.57 12.25 -15.22
N MSE B 26 7.19 13.21 -14.54
CA MSE B 26 8.31 13.97 -15.12
C MSE B 26 9.48 13.08 -15.44
O MSE B 26 10.15 13.27 -16.45
CB MSE B 26 8.79 15.09 -14.22
CG MSE B 26 7.82 16.27 -14.14
SE MSE B 26 7.03 16.67 -15.88
CE MSE B 26 8.29 17.98 -16.53
N CYS B 27 9.72 12.12 -14.58
CA CYS B 27 10.83 11.20 -14.80
C CYS B 27 10.59 10.25 -15.99
N LEU B 28 9.35 9.79 -16.16
CA LEU B 28 8.99 8.90 -17.25
C LEU B 28 8.94 9.65 -18.57
N ALA B 29 8.50 10.90 -18.51
CA ALA B 29 8.40 11.76 -19.68
C ALA B 29 9.74 12.14 -20.25
N GLU B 30 10.75 12.33 -19.38
CA GLU B 30 12.11 12.73 -19.79
C GLU B 30 12.03 13.98 -20.66
N PRO B 31 11.47 15.07 -20.12
CA PRO B 31 11.29 16.34 -20.83
C PRO B 31 12.56 17.00 -21.32
N GLY B 32 12.64 17.20 -22.63
CA GLY B 32 13.78 17.86 -23.23
C GLY B 32 13.37 19.30 -23.54
N LYS B 33 14.33 20.23 -23.53
CA LYS B 33 14.04 21.63 -23.81
C LYS B 33 13.47 21.95 -25.20
N ASN B 34 13.57 20.98 -26.12
CA ASN B 34 13.03 21.19 -27.45
C ASN B 34 11.84 20.30 -27.71
N ASP B 35 11.29 19.70 -26.66
CA ASP B 35 10.14 18.81 -26.82
C ASP B 35 8.81 19.55 -26.81
N VAL B 36 7.88 19.02 -27.59
CA VAL B 36 6.53 19.55 -27.66
C VAL B 36 5.68 18.52 -26.89
N ALA B 37 4.91 19.00 -25.91
CA ALA B 37 4.11 18.12 -25.08
C ALA B 37 2.63 18.50 -25.07
N VAL B 38 1.77 17.49 -24.87
CA VAL B 38 0.33 17.72 -24.76
C VAL B 38 -0.12 17.10 -23.45
N ASP B 39 -0.98 17.82 -22.75
CA ASP B 39 -1.53 17.38 -21.47
C ASP B 39 -3.04 17.32 -21.64
N VAL B 40 -3.57 16.12 -21.87
CA VAL B 40 -5.00 15.96 -22.08
C VAL B 40 -5.70 15.81 -20.73
N GLY B 41 -6.62 16.74 -20.45
CA GLY B 41 -7.34 16.73 -19.17
C GLY B 41 -6.42 17.35 -18.13
N CYS B 42 -6.02 18.60 -18.36
CA CYS B 42 -5.09 19.29 -17.47
C CYS B 42 -5.55 19.59 -16.05
N GLY B 43 -6.86 19.52 -15.79
CA GLY B 43 -7.41 19.76 -14.45
C GLY B 43 -6.95 21.04 -13.77
N THR B 44 -6.38 20.90 -12.59
CA THR B 44 -5.87 22.05 -11.82
C THR B 44 -4.57 22.62 -12.43
N GLY B 45 -3.92 21.86 -13.32
CA GLY B 45 -2.70 22.33 -13.96
C GLY B 45 -1.38 21.79 -13.40
N GLY B 46 -1.45 20.80 -12.52
CA GLY B 46 -0.25 20.25 -11.92
C GLY B 46 0.80 19.81 -12.92
N VAL B 47 0.41 18.94 -13.85
CA VAL B 47 1.33 18.43 -14.87
C VAL B 47 1.73 19.55 -15.84
N THR B 48 0.78 20.40 -16.19
CA THR B 48 1.05 21.49 -17.14
C THR B 48 2.15 22.43 -16.63
N LEU B 49 2.09 22.78 -15.34
CA LEU B 49 3.07 23.64 -14.70
C LEU B 49 4.47 23.05 -14.78
N GLU B 50 4.60 21.77 -14.42
CA GLU B 50 5.89 21.09 -14.43
C GLU B 50 6.48 21.00 -15.84
N LEU B 51 5.64 20.67 -16.82
CA LEU B 51 6.10 20.53 -18.19
C LEU B 51 6.50 21.89 -18.74
N ALA B 52 5.66 22.90 -18.46
CA ALA B 52 5.90 24.27 -18.91
C ALA B 52 7.36 24.69 -18.66
N GLY B 53 7.85 24.53 -17.43
CA GLY B 53 9.22 24.90 -17.18
C GLY B 53 10.29 23.95 -17.70
N ARG B 54 9.97 23.00 -18.58
CA ARG B 54 11.01 22.07 -19.04
C ARG B 54 11.02 21.73 -20.51
N VAL B 55 9.92 21.98 -21.22
CA VAL B 55 9.88 21.69 -22.64
C VAL B 55 9.67 22.96 -23.46
N ARG B 56 9.72 22.83 -24.79
CA ARG B 56 9.55 23.99 -25.66
C ARG B 56 8.10 24.50 -25.69
N ARG B 57 7.15 23.61 -25.94
CA ARG B 57 5.75 24.02 -26.01
C ARG B 57 4.85 23.01 -25.30
N VAL B 58 3.83 23.50 -24.63
CA VAL B 58 2.87 22.64 -23.94
C VAL B 58 1.47 23.03 -24.41
N TYR B 59 0.69 22.04 -24.81
CA TYR B 59 -0.69 22.26 -25.25
C TYR B 59 -1.50 21.60 -24.16
N ALA B 60 -2.30 22.40 -23.46
CA ALA B 60 -3.10 21.90 -22.36
C ALA B 60 -4.53 21.90 -22.79
N ILE B 61 -5.15 20.72 -22.71
CA ILE B 61 -6.54 20.51 -23.13
C ILE B 61 -7.47 20.05 -22.00
N ASP B 62 -8.72 20.49 -22.03
CA ASP B 62 -9.75 20.10 -21.05
C ASP B 62 -11.11 20.57 -21.54
N ARG B 63 -12.11 19.73 -21.37
CA ARG B 63 -13.49 20.07 -21.76
C ARG B 63 -14.04 21.08 -20.78
N ASN B 64 -13.77 20.85 -19.49
CA ASN B 64 -14.21 21.73 -18.42
C ASN B 64 -13.54 23.12 -18.50
N PRO B 65 -14.36 24.16 -18.68
CA PRO B 65 -13.84 25.54 -18.79
C PRO B 65 -13.18 26.00 -17.48
N GLU B 66 -13.73 25.53 -16.36
CA GLU B 66 -13.20 25.85 -15.03
C GLU B 66 -11.77 25.37 -14.90
N ALA B 67 -11.47 24.23 -15.53
CA ALA B 67 -10.14 23.64 -15.47
C ALA B 67 -9.16 24.48 -16.25
N ILE B 68 -9.55 24.90 -17.44
CA ILE B 68 -8.69 25.74 -18.27
C ILE B 68 -8.37 27.01 -17.47
N SER B 69 -9.43 27.51 -16.82
CA SER B 69 -9.39 28.70 -15.99
C SER B 69 -8.40 28.52 -14.83
N THR B 70 -8.55 27.43 -14.06
CA THR B 70 -7.67 27.17 -12.93
C THR B 70 -6.22 26.98 -13.36
N THR B 71 -6.02 26.26 -14.47
CA THR B 71 -4.67 26.02 -14.98
C THR B 71 -4.05 27.37 -15.33
N GLU B 72 -4.87 28.21 -15.97
CA GLU B 72 -4.45 29.56 -16.34
C GLU B 72 -3.92 30.33 -15.13
N MSE B 73 -4.68 30.30 -14.04
CA MSE B 73 -4.31 30.97 -12.81
C MSE B 73 -3.04 30.46 -12.19
O MSE B 73 -2.19 31.25 -11.77
CB MSE B 73 -5.40 30.83 -11.77
CG MSE B 73 -6.60 31.66 -12.10
SE MSE B 73 -7.80 31.56 -10.61
CE MSE B 73 -9.18 30.44 -11.31
N ASN B 74 -2.93 29.15 -12.04
CA ASN B 74 -1.75 28.57 -11.46
C ASN B 74 -0.50 28.87 -12.32
N LEU B 75 -0.69 28.95 -13.62
CA LEU B 75 0.41 29.26 -14.51
C LEU B 75 0.93 30.67 -14.19
N GLN B 76 0.00 31.62 -14.05
CA GLN B 76 0.37 32.99 -13.73
C GLN B 76 1.08 33.16 -12.39
N ARG B 77 0.51 32.58 -11.34
CA ARG B 77 1.08 32.68 -9.99
C ARG B 77 2.53 32.20 -9.91
N HIS B 78 2.96 31.40 -10.89
CA HIS B 78 4.31 30.89 -10.84
C HIS B 78 5.14 31.42 -12.01
N GLY B 79 4.59 32.40 -12.73
CA GLY B 79 5.28 33.02 -13.85
C GLY B 79 5.63 32.17 -15.05
N LEU B 80 4.73 31.24 -15.36
CA LEU B 80 4.92 30.32 -16.48
C LEU B 80 3.72 30.56 -17.38
N GLY B 81 3.66 29.90 -18.52
CA GLY B 81 2.50 30.07 -19.38
C GLY B 81 2.75 30.73 -20.71
N ASP B 82 3.98 31.20 -20.91
CA ASP B 82 4.38 31.86 -22.14
C ASP B 82 4.44 30.80 -23.25
N ASN B 83 4.87 29.61 -22.87
CA ASN B 83 4.98 28.50 -23.82
C ASN B 83 3.84 27.48 -23.66
N VAL B 84 2.70 27.91 -23.13
CA VAL B 84 1.61 27.00 -22.95
C VAL B 84 0.40 27.46 -23.73
N THR B 85 -0.14 26.59 -24.56
CA THR B 85 -1.34 26.90 -25.33
C THR B 85 -2.55 26.21 -24.66
N LEU B 86 -3.44 26.98 -24.07
CA LEU B 86 -4.59 26.39 -23.42
C LEU B 86 -5.64 26.14 -24.49
N MSE B 87 -6.39 25.05 -24.38
CA MSE B 87 -7.41 24.76 -25.37
C MSE B 87 -8.62 24.17 -24.74
O MSE B 87 -8.58 23.05 -24.23
CB MSE B 87 -6.88 23.74 -26.36
CG MSE B 87 -6.35 24.32 -27.63
SE MSE B 87 -5.31 22.95 -28.44
CE MSE B 87 -3.79 23.17 -27.25
N GLU B 88 -9.74 24.88 -24.81
CA GLU B 88 -10.96 24.36 -24.22
C GLU B 88 -11.69 23.55 -25.27
N GLY B 89 -12.51 22.63 -24.80
CA GLY B 89 -13.24 21.81 -25.73
C GLY B 89 -12.87 20.36 -25.69
N ASP B 90 -13.63 19.61 -26.47
CA ASP B 90 -13.51 18.18 -26.59
C ASP B 90 -12.11 17.73 -27.05
N ALA B 91 -11.49 16.89 -26.23
CA ALA B 91 -10.16 16.37 -26.49
C ALA B 91 -9.84 15.89 -27.92
N PRO B 92 -10.65 14.98 -28.49
CA PRO B 92 -10.37 14.50 -29.85
C PRO B 92 -10.28 15.58 -30.91
N GLU B 93 -11.18 16.56 -30.84
CA GLU B 93 -11.18 17.66 -31.80
C GLU B 93 -9.94 18.51 -31.66
N ALA B 94 -9.66 18.91 -30.42
CA ALA B 94 -8.49 19.74 -30.11
C ALA B 94 -7.18 19.10 -30.53
N LEU B 95 -7.05 17.81 -30.29
CA LEU B 95 -5.82 17.09 -30.65
C LEU B 95 -5.54 17.09 -32.14
N CYS B 96 -6.59 17.22 -32.93
CA CYS B 96 -6.44 17.22 -34.39
C CYS B 96 -5.79 18.50 -34.89
N LYS B 97 -5.92 19.57 -34.10
CA LYS B 97 -5.38 20.89 -34.45
C LYS B 97 -3.99 21.18 -33.89
N ILE B 98 -3.32 20.17 -33.34
CA ILE B 98 -2.01 20.36 -32.71
C ILE B 98 -0.88 19.76 -33.56
N PRO B 99 0.35 20.28 -33.39
CA PRO B 99 1.51 19.78 -34.15
C PRO B 99 1.81 18.37 -33.66
N ASP B 100 2.83 17.73 -34.21
CA ASP B 100 3.23 16.41 -33.77
C ASP B 100 3.84 16.61 -32.38
N ILE B 101 3.72 15.59 -31.53
CA ILE B 101 4.19 15.67 -30.15
C ILE B 101 5.28 14.66 -29.74
N ASP B 102 6.09 15.09 -28.78
CA ASP B 102 7.17 14.27 -28.22
C ASP B 102 6.70 13.56 -26.92
N ILE B 103 5.85 14.24 -26.16
CA ILE B 103 5.35 13.74 -24.88
C ILE B 103 3.85 13.96 -24.80
N ALA B 104 3.10 12.94 -24.40
CA ALA B 104 1.66 13.05 -24.21
C ALA B 104 1.32 12.47 -22.84
N VAL B 105 0.66 13.29 -22.01
CA VAL B 105 0.22 12.86 -20.69
C VAL B 105 -1.32 12.97 -20.74
N VAL B 106 -1.98 11.86 -20.46
CA VAL B 106 -3.45 11.79 -20.51
C VAL B 106 -4.01 11.58 -19.12
N GLY B 107 -4.58 12.63 -18.56
CA GLY B 107 -5.15 12.55 -17.23
C GLY B 107 -6.60 12.16 -17.35
N GLY B 108 -7.49 13.14 -17.24
CA GLY B 108 -8.91 12.87 -17.33
C GLY B 108 -9.30 12.31 -18.69
N SER B 109 -9.26 10.98 -18.79
CA SER B 109 -9.62 10.26 -20.02
C SER B 109 -10.98 10.73 -20.56
N GLY B 110 -11.85 11.17 -19.66
CA GLY B 110 -13.16 11.66 -20.03
C GLY B 110 -13.98 10.74 -20.91
N GLY B 111 -13.88 9.42 -20.66
CA GLY B 111 -14.65 8.47 -21.44
C GLY B 111 -14.13 8.11 -22.82
N GLU B 112 -13.54 9.07 -23.53
CA GLU B 112 -13.02 8.84 -24.88
C GLU B 112 -11.56 8.39 -24.94
N LEU B 113 -11.09 7.69 -23.92
CA LEU B 113 -9.69 7.27 -23.87
C LEU B 113 -9.16 6.58 -25.14
N GLN B 114 -9.91 5.58 -25.60
CA GLN B 114 -9.51 4.82 -26.78
C GLN B 114 -9.26 5.70 -28.01
N GLU B 115 -10.17 6.65 -28.25
CA GLU B 115 -10.05 7.56 -29.38
C GLU B 115 -8.87 8.50 -29.22
N ILE B 116 -8.73 9.04 -28.02
CA ILE B 116 -7.66 9.97 -27.68
C ILE B 116 -6.33 9.28 -27.92
N LEU B 117 -6.20 8.04 -27.51
CA LEU B 117 -4.94 7.31 -27.70
C LEU B 117 -4.62 7.05 -29.15
N ARG B 118 -5.64 6.76 -29.95
CA ARG B 118 -5.42 6.48 -31.36
C ARG B 118 -4.90 7.73 -32.00
N ILE B 119 -5.60 8.83 -31.76
CA ILE B 119 -5.19 10.10 -32.31
C ILE B 119 -3.76 10.39 -31.90
N ILE B 120 -3.47 10.30 -30.60
CA ILE B 120 -2.12 10.57 -30.08
C ILE B 120 -1.09 9.70 -30.74
N LYS B 121 -1.47 8.46 -31.10
CA LYS B 121 -0.50 7.60 -31.74
C LYS B 121 -0.09 8.16 -33.11
N ASP B 122 -1.04 8.74 -33.83
CA ASP B 122 -0.77 9.29 -35.17
C ASP B 122 0.07 10.58 -35.16
N LYS B 123 0.20 11.22 -34.00
CA LYS B 123 0.97 12.46 -33.92
C LYS B 123 2.25 12.28 -33.13
N LEU B 124 2.53 11.07 -32.69
CA LEU B 124 3.70 10.88 -31.86
C LEU B 124 4.99 10.91 -32.66
N LYS B 125 5.88 11.82 -32.30
CA LYS B 125 7.16 11.90 -32.99
C LYS B 125 7.94 10.64 -32.62
N PRO B 126 8.88 10.20 -33.47
CA PRO B 126 9.64 9.00 -33.12
C PRO B 126 10.35 9.20 -31.77
N GLY B 127 10.39 8.15 -30.95
CA GLY B 127 11.00 8.25 -29.63
C GLY B 127 10.07 8.91 -28.59
N GLY B 128 8.85 9.25 -29.00
CA GLY B 128 7.87 9.88 -28.13
C GLY B 128 7.41 8.97 -27.00
N ARG B 129 6.84 9.59 -25.98
CA ARG B 129 6.36 8.87 -24.81
C ARG B 129 4.90 9.22 -24.46
N ILE B 130 4.13 8.21 -24.09
CA ILE B 130 2.73 8.39 -23.67
C ILE B 130 2.65 7.92 -22.20
N ILE B 131 1.96 8.69 -21.36
CA ILE B 131 1.78 8.35 -19.96
C ILE B 131 0.32 8.60 -19.64
N VAL B 132 -0.36 7.56 -19.17
CA VAL B 132 -1.76 7.67 -18.85
C VAL B 132 -1.89 7.55 -17.34
N THR B 133 -2.62 8.50 -16.78
CA THR B 133 -2.92 8.61 -15.36
C THR B 133 -4.27 7.91 -15.13
N ALA B 134 -4.30 6.88 -14.28
CA ALA B 134 -5.53 6.15 -14.01
C ALA B 134 -5.98 6.12 -12.55
N ILE B 135 -7.24 6.51 -12.34
CA ILE B 135 -7.86 6.57 -11.03
C ILE B 135 -8.90 5.47 -10.96
N LEU B 136 -9.55 5.23 -12.09
CA LEU B 136 -10.57 4.21 -12.19
C LEU B 136 -9.94 2.88 -12.57
N LEU B 137 -10.53 1.82 -12.04
CA LEU B 137 -10.06 0.48 -12.31
C LEU B 137 -10.17 0.15 -13.82
N GLU B 138 -11.20 0.67 -14.46
CA GLU B 138 -11.44 0.42 -15.88
C GLU B 138 -10.43 1.12 -16.78
N THR B 139 -9.98 2.30 -16.37
CA THR B 139 -8.98 3.03 -17.14
C THR B 139 -7.66 2.25 -17.13
N LYS B 140 -7.31 1.66 -16.00
CA LYS B 140 -6.05 0.91 -15.91
C LYS B 140 -6.09 -0.20 -16.95
N PHE B 141 -7.21 -0.89 -17.03
CA PHE B 141 -7.33 -1.99 -17.96
C PHE B 141 -7.40 -1.51 -19.42
N GLU B 142 -8.30 -0.58 -19.67
CA GLU B 142 -8.50 -0.02 -21.00
C GLU B 142 -7.22 0.58 -21.60
N ALA B 143 -6.47 1.35 -20.81
CA ALA B 143 -5.22 1.96 -21.27
C ALA B 143 -4.22 0.89 -21.67
N MSE B 144 -4.03 -0.11 -20.81
CA MSE B 144 -3.11 -1.20 -21.05
C MSE B 144 -3.45 -1.87 -22.36
O MSE B 144 -2.58 -2.14 -23.18
CB MSE B 144 -3.27 -2.26 -19.96
CG MSE B 144 -2.76 -1.83 -18.61
SE MSE B 144 -1.05 -2.55 -18.42
CE MSE B 144 -1.56 -4.37 -18.67
N GLU B 145 -4.73 -2.18 -22.53
CA GLU B 145 -5.23 -2.84 -23.71
C GLU B 145 -5.06 -2.02 -25.00
N CYS B 146 -5.48 -0.77 -25.00
CA CYS B 146 -5.34 0.11 -26.17
C CYS B 146 -3.91 0.22 -26.61
N LEU B 147 -3.05 0.69 -25.72
CA LEU B 147 -1.65 0.87 -26.04
C LEU B 147 -1.00 -0.39 -26.60
N ARG B 148 -1.39 -1.54 -26.10
CA ARG B 148 -0.83 -2.80 -26.59
C ARG B 148 -1.38 -3.10 -27.99
N ASP B 149 -2.63 -2.77 -28.21
CA ASP B 149 -3.30 -2.99 -29.48
C ASP B 149 -2.83 -1.98 -30.53
N LEU B 150 -2.18 -0.92 -30.08
CA LEU B 150 -1.67 0.09 -30.98
C LEU B 150 -0.20 -0.21 -31.21
N GLY B 151 0.26 -1.35 -30.68
CA GLY B 151 1.64 -1.77 -30.89
C GLY B 151 2.79 -1.27 -30.01
N PHE B 152 2.45 -0.65 -28.90
CA PHE B 152 3.49 -0.18 -27.98
C PHE B 152 3.83 -1.26 -26.96
N ASP B 153 5.00 -1.16 -26.35
CA ASP B 153 5.37 -2.06 -25.25
C ASP B 153 4.90 -1.24 -24.04
N VAL B 154 3.94 -1.79 -23.33
CA VAL B 154 3.30 -1.14 -22.19
C VAL B 154 3.75 -1.58 -20.81
N ASN B 155 3.78 -0.63 -19.88
CA ASN B 155 4.17 -0.87 -18.50
C ASN B 155 3.18 -0.20 -17.59
N ILE B 156 3.13 -0.66 -16.34
CA ILE B 156 2.24 -0.05 -15.37
C ILE B 156 2.86 -0.02 -13.98
N THR B 157 2.69 1.10 -13.28
CA THR B 157 3.22 1.27 -11.93
C THR B 157 2.13 1.89 -11.08
N GLU B 158 1.81 1.26 -9.96
CA GLU B 158 0.81 1.76 -9.02
C GLU B 158 1.49 2.36 -7.80
N LEU B 159 1.08 3.56 -7.42
CA LEU B 159 1.67 4.19 -6.27
C LEU B 159 0.68 4.36 -5.15
N ASN B 160 1.11 3.99 -3.97
CA ASN B 160 0.32 4.18 -2.77
C ASN B 160 1.21 5.04 -1.88
N ILE B 161 0.75 6.26 -1.64
CA ILE B 161 1.50 7.22 -0.88
C ILE B 161 0.80 7.56 0.42
N ALA B 162 1.58 7.72 1.48
CA ALA B 162 1.09 8.15 2.77
C ALA B 162 2.05 9.27 3.23
N ARG B 163 1.47 10.37 3.72
CA ARG B 163 2.26 11.49 4.19
C ARG B 163 1.96 11.63 5.67
N GLY B 164 2.95 12.07 6.45
CA GLY B 164 2.72 12.26 7.87
C GLY B 164 2.01 13.57 8.15
N ARG B 165 1.05 13.57 9.07
CA ARG B 165 0.35 14.78 9.47
C ARG B 165 0.69 14.98 10.95
N ALA B 166 1.33 16.09 11.26
CA ALA B 166 1.70 16.42 12.62
C ALA B 166 0.47 16.77 13.43
N LEU B 167 0.20 15.94 14.43
CA LEU B 167 -0.90 16.13 15.35
C LEU B 167 -0.24 16.38 16.69
N ASP B 168 -1.00 16.81 17.70
CA ASP B 168 -0.40 17.08 19.00
C ASP B 168 0.12 15.78 19.62
N ARG B 169 -0.69 14.74 19.53
CA ARG B 169 -0.35 13.43 20.04
C ARG B 169 0.79 12.73 19.26
N GLY B 170 1.03 13.14 18.01
CA GLY B 170 2.07 12.51 17.20
C GLY B 170 1.86 12.66 15.70
N THR B 171 2.56 11.81 14.95
CA THR B 171 2.49 11.85 13.49
C THR B 171 1.63 10.72 12.96
N MSE B 172 0.47 11.02 12.39
CA MSE B 172 -0.33 9.96 11.85
C MSE B 172 -0.11 9.96 10.35
O MSE B 172 0.12 11.01 9.75
CB MSE B 172 -1.81 10.13 12.21
CG MSE B 172 -2.51 11.16 11.39
SE MSE B 172 -4.34 10.74 11.52
CE MSE B 172 -5.10 12.59 11.46
N MSE B 173 -0.11 8.78 9.76
CA MSE B 173 0.09 8.66 8.31
C MSE B 173 -1.25 8.76 7.61
O MSE B 173 -2.16 8.02 7.94
CB MSE B 173 0.73 7.33 7.95
CG MSE B 173 2.05 7.03 8.66
SE MSE B 173 3.49 8.31 8.34
CE MSE B 173 3.75 8.10 6.44
N VAL B 174 -1.34 9.66 6.64
CA VAL B 174 -2.56 9.87 5.90
C VAL B 174 -2.37 9.44 4.47
N SER B 175 -3.24 8.55 4.02
CA SER B 175 -3.21 8.03 2.68
C SER B 175 -3.83 8.89 1.59
N ARG B 176 -3.30 8.69 0.38
CA ARG B 176 -3.74 9.30 -0.85
C ARG B 176 -4.37 8.12 -1.60
N ASN B 177 -5.36 8.37 -2.44
CA ASN B 177 -5.94 7.25 -3.19
C ASN B 177 -4.90 6.73 -4.13
N PRO B 178 -4.90 5.43 -4.39
CA PRO B 178 -3.92 4.84 -5.29
C PRO B 178 -4.00 5.45 -6.70
N VAL B 179 -2.85 5.64 -7.33
CA VAL B 179 -2.80 6.17 -8.70
C VAL B 179 -1.92 5.24 -9.52
N ALA B 180 -2.36 4.87 -10.71
CA ALA B 180 -1.57 4.03 -11.60
C ALA B 180 -1.10 4.82 -12.81
N LEU B 181 0.13 4.57 -13.24
CA LEU B 181 0.68 5.22 -14.40
C LEU B 181 0.94 4.14 -15.44
N ILE B 182 0.27 4.25 -16.58
CA ILE B 182 0.45 3.29 -17.66
C ILE B 182 1.29 4.05 -18.67
N TYR B 183 2.45 3.52 -19.01
CA TYR B 183 3.35 4.21 -19.93
C TYR B 183 3.95 3.32 -21.03
N THR B 184 4.25 3.93 -22.17
CA THR B 184 4.84 3.22 -23.32
C THR B 184 6.35 3.31 -23.28
N GLY B 185 7.03 2.36 -23.91
CA GLY B 185 8.49 2.40 -23.95
C GLY B 185 9.00 3.69 -24.58
N VAL B 186 10.25 4.03 -24.27
CA VAL B 186 10.91 5.24 -24.79
C VAL B 186 11.57 4.88 -26.12
N MSE C 1 15.38 8.34 -16.35
CA MSE C 1 16.26 7.94 -15.22
C MSE C 1 16.65 6.48 -15.43
O MSE C 1 15.97 5.75 -16.14
CB MSE C 1 15.52 8.12 -13.90
CG MSE C 1 16.34 7.84 -12.69
SE MSE C 1 15.60 8.72 -11.14
CE MSE C 1 15.31 10.49 -11.84
N ILE C 2 17.75 6.04 -14.80
CA ILE C 2 18.22 4.68 -14.96
C ILE C 2 17.32 3.68 -14.26
N PRO C 3 16.78 2.70 -14.98
CA PRO C 3 15.91 1.70 -14.35
C PRO C 3 16.69 0.65 -13.58
N ASP C 4 16.06 0.09 -12.56
CA ASP C 4 16.65 -0.93 -11.68
C ASP C 4 17.38 -2.04 -12.39
N ASP C 5 16.85 -2.47 -13.54
CA ASP C 5 17.46 -3.57 -14.30
C ASP C 5 18.78 -3.26 -15.01
N GLU C 6 19.10 -1.98 -15.17
CA GLU C 6 20.35 -1.60 -15.83
C GLU C 6 21.51 -1.33 -14.86
N PHE C 7 21.38 -1.90 -13.66
CA PHE C 7 22.39 -1.75 -12.65
C PHE C 7 23.09 -3.07 -12.48
N ILE C 8 24.34 -2.99 -12.08
CA ILE C 8 25.18 -4.16 -11.82
C ILE C 8 24.91 -4.45 -10.34
N LYS C 9 24.47 -5.67 -10.03
CA LYS C 9 24.16 -6.10 -8.67
C LYS C 9 25.22 -6.98 -8.06
N ASN C 10 25.26 -7.06 -6.74
CA ASN C 10 26.25 -7.89 -6.06
C ASN C 10 25.50 -8.55 -4.93
N PRO C 11 25.86 -9.80 -4.58
CA PRO C 11 25.21 -10.55 -3.49
C PRO C 11 25.17 -9.87 -2.12
N SER C 12 26.33 -9.46 -1.63
CA SER C 12 26.42 -8.85 -0.33
C SER C 12 25.98 -7.38 -0.28
N VAL C 13 25.62 -6.82 -1.45
CA VAL C 13 25.24 -5.41 -1.55
C VAL C 13 23.77 -5.20 -1.91
N PRO C 14 23.01 -4.59 -1.00
CA PRO C 14 21.59 -4.31 -1.21
C PRO C 14 21.34 -3.17 -2.23
N GLY C 15 20.15 -3.17 -2.82
CA GLY C 15 19.81 -2.15 -3.80
C GLY C 15 19.67 -2.76 -5.19
N PRO C 16 19.48 -1.95 -6.22
CA PRO C 16 19.38 -0.50 -6.13
C PRO C 16 18.04 -0.06 -5.56
N THR C 17 18.03 1.16 -5.04
CA THR C 17 16.84 1.74 -4.48
C THR C 17 15.86 1.75 -5.65
N ALA C 18 14.62 1.38 -5.41
CA ALA C 18 13.63 1.36 -6.48
C ALA C 18 13.63 2.71 -7.18
N MSE C 19 13.55 2.68 -8.50
CA MSE C 19 13.56 3.88 -9.30
C MSE C 19 12.56 4.93 -8.83
O MSE C 19 12.85 6.13 -8.83
CB MSE C 19 13.24 3.53 -10.74
CG MSE C 19 13.63 4.63 -11.73
SE MSE C 19 12.56 4.66 -13.33
CE MSE C 19 13.85 4.22 -14.68
N GLU C 20 11.37 4.50 -8.44
CA GLU C 20 10.33 5.43 -8.02
C GLU C 20 10.75 6.18 -6.76
N VAL C 21 11.56 5.56 -5.92
CA VAL C 21 12.04 6.19 -4.69
C VAL C 21 13.16 7.17 -5.07
N ARG C 22 14.08 6.72 -5.91
CA ARG C 22 15.18 7.56 -6.36
C ARG C 22 14.61 8.82 -7.03
N CYS C 23 13.52 8.65 -7.72
CA CYS C 23 12.89 9.77 -8.37
C CYS C 23 12.43 10.83 -7.34
N LEU C 24 11.81 10.39 -6.25
CA LEU C 24 11.35 11.29 -5.21
C LEU C 24 12.54 11.88 -4.42
N ILE C 25 13.59 11.10 -4.17
CA ILE C 25 14.75 11.61 -3.45
C ILE C 25 15.29 12.80 -4.23
N MSE C 26 15.37 12.67 -5.56
CA MSE C 26 15.90 13.75 -6.41
C MSE C 26 15.06 14.97 -6.33
O MSE C 26 15.58 16.08 -6.32
CB MSE C 26 16.02 13.34 -7.87
CG MSE C 26 17.21 12.45 -8.15
SE MSE C 26 18.77 13.00 -7.10
CE MSE C 26 19.71 13.99 -8.43
N CYS C 27 13.76 14.79 -6.26
CA CYS C 27 12.85 15.92 -6.18
C CYS C 27 12.93 16.66 -4.83
N LEU C 28 13.10 15.90 -3.74
CA LEU C 28 13.22 16.47 -2.41
C LEU C 28 14.58 17.13 -2.21
N ALA C 29 15.60 16.55 -2.81
CA ALA C 29 16.95 17.08 -2.72
C ALA C 29 17.11 18.41 -3.46
N GLU C 30 16.41 18.57 -4.59
CA GLU C 30 16.49 19.78 -5.42
C GLU C 30 17.95 20.06 -5.76
N PRO C 31 18.63 19.12 -6.44
CA PRO C 31 20.04 19.23 -6.83
C PRO C 31 20.39 20.40 -7.74
N GLY C 32 21.26 21.27 -7.26
CA GLY C 32 21.71 22.39 -8.07
C GLY C 32 23.07 22.03 -8.64
N LYS C 33 23.43 22.59 -9.78
CA LYS C 33 24.73 22.30 -10.40
C LYS C 33 25.96 22.72 -9.60
N ASN C 34 25.77 23.53 -8.56
CA ASN C 34 26.89 23.95 -7.73
C ASN C 34 26.82 23.37 -6.34
N ASP C 35 25.95 22.38 -6.15
CA ASP C 35 25.78 21.74 -4.85
C ASP C 35 26.78 20.62 -4.62
N VAL C 36 27.13 20.45 -3.36
CA VAL C 36 28.04 19.39 -2.92
C VAL C 36 27.14 18.46 -2.14
N ALA C 37 27.15 17.18 -2.52
CA ALA C 37 26.29 16.19 -1.90
C ALA C 37 27.04 14.99 -1.33
N VAL C 38 26.51 14.40 -0.26
CA VAL C 38 27.08 13.19 0.33
C VAL C 38 26.01 12.14 0.37
N ASP C 39 26.40 10.92 0.01
CA ASP C 39 25.50 9.79 -0.01
C ASP C 39 26.05 8.76 0.97
N VAL C 40 25.49 8.72 2.17
CA VAL C 40 25.97 7.80 3.19
C VAL C 40 25.32 6.45 3.00
N GLY C 41 26.13 5.43 2.76
CA GLY C 41 25.59 4.09 2.52
C GLY C 41 25.11 4.03 1.07
N CYS C 42 26.03 4.26 0.14
CA CYS C 42 25.71 4.27 -1.28
C CYS C 42 25.25 2.95 -1.91
N GLY C 43 25.48 1.82 -1.26
CA GLY C 43 25.06 0.52 -1.78
C GLY C 43 25.43 0.22 -3.23
N THR C 44 24.44 -0.09 -4.05
CA THR C 44 24.65 -0.38 -5.46
C THR C 44 24.98 0.89 -6.27
N GLY C 45 24.76 2.05 -5.68
CA GLY C 45 25.07 3.29 -6.36
C GLY C 45 23.89 4.02 -6.98
N GLY C 46 22.67 3.58 -6.70
CA GLY C 46 21.49 4.21 -7.28
C GLY C 46 21.42 5.73 -7.11
N VAL C 47 21.44 6.17 -5.87
CA VAL C 47 21.37 7.60 -5.55
C VAL C 47 22.62 8.34 -6.03
N THR C 48 23.79 7.72 -5.88
CA THR C 48 25.07 8.32 -6.31
C THR C 48 25.07 8.66 -7.82
N LEU C 49 24.58 7.75 -8.65
CA LEU C 49 24.50 7.95 -10.09
C LEU C 49 23.65 9.14 -10.42
N GLU C 50 22.47 9.22 -9.82
CA GLU C 50 21.54 10.30 -10.08
C GLU C 50 22.09 11.63 -9.64
N LEU C 51 22.72 11.67 -8.47
CA LEU C 51 23.29 12.91 -7.97
C LEU C 51 24.45 13.32 -8.84
N ALA C 52 25.30 12.36 -9.18
CA ALA C 52 26.47 12.62 -10.01
C ALA C 52 26.15 13.49 -11.22
N GLY C 53 25.15 13.10 -12.01
CA GLY C 53 24.81 13.91 -13.16
C GLY C 53 24.04 15.20 -12.88
N ARG C 54 23.97 15.68 -11.63
CA ARG C 54 23.22 16.90 -11.33
C ARG C 54 23.87 17.93 -10.41
N VAL C 55 24.85 17.52 -9.62
CA VAL C 55 25.51 18.44 -8.69
C VAL C 55 26.98 18.60 -9.04
N ARG C 56 27.66 19.48 -8.31
CA ARG C 56 29.08 19.70 -8.54
C ARG C 56 29.96 18.55 -8.06
N ARG C 57 29.79 18.14 -6.81
CA ARG C 57 30.59 17.06 -6.25
C ARG C 57 29.73 16.11 -5.41
N VAL C 58 30.04 14.81 -5.50
CA VAL C 58 29.31 13.79 -4.75
C VAL C 58 30.34 12.97 -3.98
N TYR C 59 30.13 12.83 -2.68
CA TYR C 59 31.00 12.02 -1.84
C TYR C 59 30.15 10.80 -1.48
N ALA C 60 30.58 9.63 -1.93
CA ALA C 60 29.87 8.38 -1.71
C ALA C 60 30.63 7.58 -0.67
N ILE C 61 29.95 7.25 0.42
CA ILE C 61 30.51 6.52 1.54
C ILE C 61 29.82 5.20 1.82
N ASP C 62 30.58 4.19 2.22
CA ASP C 62 30.05 2.88 2.58
C ASP C 62 31.12 2.07 3.30
N ARG C 63 30.74 1.34 4.34
CA ARG C 63 31.69 0.49 5.08
C ARG C 63 32.04 -0.71 4.23
N ASN C 64 31.04 -1.28 3.57
CA ASN C 64 31.19 -2.45 2.71
C ASN C 64 32.00 -2.13 1.46
N PRO C 65 33.16 -2.77 1.30
CA PRO C 65 34.05 -2.57 0.15
C PRO C 65 33.38 -2.96 -1.16
N GLU C 66 32.55 -4.01 -1.08
CA GLU C 66 31.83 -4.51 -2.24
C GLU C 66 30.89 -3.43 -2.78
N ALA C 67 30.33 -2.63 -1.88
CA ALA C 67 29.41 -1.57 -2.26
C ALA C 67 30.14 -0.45 -2.98
N ILE C 68 31.32 -0.08 -2.48
CA ILE C 68 32.13 0.96 -3.11
C ILE C 68 32.46 0.47 -4.52
N SER C 69 32.79 -0.81 -4.57
CA SER C 69 33.16 -1.49 -5.79
C SER C 69 32.02 -1.47 -6.82
N THR C 70 30.82 -1.87 -6.38
CA THR C 70 29.64 -1.90 -7.25
C THR C 70 29.25 -0.51 -7.73
N THR C 71 29.33 0.47 -6.83
CA THR C 71 29.00 1.85 -7.19
C THR C 71 29.99 2.31 -8.27
N GLU C 72 31.26 1.99 -8.05
CA GLU C 72 32.34 2.33 -8.97
C GLU C 72 32.00 1.81 -10.37
N MSE C 73 31.56 0.56 -10.46
CA MSE C 73 31.20 -0.08 -11.73
C MSE C 73 30.04 0.55 -12.43
O MSE C 73 30.06 0.77 -13.64
CB MSE C 73 30.87 -1.53 -11.53
CG MSE C 73 32.06 -2.38 -11.34
SE MSE C 73 31.57 -4.30 -11.40
CE MSE C 73 31.58 -4.61 -9.53
N ASN C 74 28.98 0.78 -11.67
CA ASN C 74 27.82 1.40 -12.26
C ASN C 74 28.12 2.80 -12.75
N LEU C 75 29.00 3.51 -12.03
CA LEU C 75 29.38 4.87 -12.43
C LEU C 75 30.02 4.82 -13.82
N GLN C 76 30.98 3.93 -13.98
CA GLN C 76 31.67 3.76 -15.26
C GLN C 76 30.75 3.41 -16.40
N ARG C 77 29.91 2.40 -16.21
CA ARG C 77 29.00 1.95 -17.25
C ARG C 77 28.12 3.07 -17.79
N HIS C 78 27.94 4.13 -17.01
CA HIS C 78 27.10 5.22 -17.44
C HIS C 78 27.89 6.50 -17.66
N GLY C 79 29.22 6.38 -17.65
CA GLY C 79 30.10 7.50 -17.92
C GLY C 79 30.07 8.65 -16.94
N LEU C 80 29.85 8.32 -15.69
CA LEU C 80 29.80 9.31 -14.61
C LEU C 80 30.92 8.95 -13.64
N GLY C 81 31.11 9.75 -12.61
CA GLY C 81 32.16 9.41 -11.66
C GLY C 81 33.36 10.34 -11.60
N ASP C 82 33.41 11.30 -12.52
CA ASP C 82 34.50 12.24 -12.56
C ASP C 82 34.34 13.16 -11.38
N ASN C 83 33.09 13.46 -11.02
CA ASN C 83 32.81 14.32 -9.89
C ASN C 83 32.36 13.53 -8.67
N VAL C 84 32.75 12.26 -8.58
CA VAL C 84 32.36 11.44 -7.44
C VAL C 84 33.58 10.96 -6.67
N THR C 85 33.60 11.22 -5.38
CA THR C 85 34.70 10.77 -4.53
C THR C 85 34.18 9.57 -3.73
N LEU C 86 34.70 8.38 -4.02
CA LEU C 86 34.27 7.18 -3.29
C LEU C 86 35.09 7.11 -2.02
N MSE C 87 34.48 6.67 -0.93
CA MSE C 87 35.19 6.56 0.35
C MSE C 87 34.80 5.34 1.09
O MSE C 87 33.65 5.21 1.51
CB MSE C 87 34.90 7.75 1.23
CG MSE C 87 35.88 8.88 1.14
SE MSE C 87 35.04 10.41 1.80
CE MSE C 87 33.94 10.79 0.28
N GLU C 88 35.74 4.43 1.28
CA GLU C 88 35.42 3.23 2.01
C GLU C 88 35.71 3.49 3.48
N GLY C 89 35.06 2.73 4.34
CA GLY C 89 35.26 2.89 5.76
C GLY C 89 34.02 3.38 6.48
N ASP C 90 34.17 3.42 7.79
CA ASP C 90 33.16 3.82 8.75
C ASP C 90 32.64 5.26 8.48
N ALA C 91 31.33 5.35 8.26
CA ALA C 91 30.66 6.61 8.00
C ALA C 91 31.06 7.83 8.84
N PRO C 92 31.00 7.74 10.18
CA PRO C 92 31.37 8.87 11.03
C PRO C 92 32.76 9.45 10.78
N GLU C 93 33.73 8.57 10.57
CA GLU C 93 35.09 9.00 10.33
C GLU C 93 35.21 9.70 8.99
N ALA C 94 34.67 9.08 7.95
CA ALA C 94 34.70 9.61 6.59
C ALA C 94 34.02 10.99 6.49
N LEU C 95 32.88 11.16 7.15
CA LEU C 95 32.16 12.42 7.12
C LEU C 95 32.98 13.55 7.71
N CYS C 96 33.88 13.24 8.64
CA CYS C 96 34.69 14.27 9.25
C CYS C 96 35.67 14.87 8.28
N LYS C 97 36.03 14.09 7.26
CA LYS C 97 37.01 14.50 6.23
C LYS C 97 36.43 15.17 5.00
N ILE C 98 35.14 15.45 5.01
CA ILE C 98 34.48 16.03 3.85
C ILE C 98 34.14 17.51 4.03
N PRO C 99 34.03 18.25 2.91
CA PRO C 99 33.71 19.69 2.95
C PRO C 99 32.29 19.84 3.49
N ASP C 100 31.83 21.07 3.64
CA ASP C 100 30.46 21.27 4.07
C ASP C 100 29.59 20.82 2.90
N ILE C 101 28.37 20.38 3.21
CA ILE C 101 27.45 19.86 2.18
C ILE C 101 26.11 20.57 2.06
N ASP C 102 25.57 20.54 0.85
CA ASP C 102 24.28 21.13 0.51
C ASP C 102 23.16 20.09 0.61
N ILE C 103 23.48 18.85 0.23
CA ILE C 103 22.54 17.73 0.23
C ILE C 103 23.15 16.49 0.86
N ALA C 104 22.42 15.87 1.78
CA ALA C 104 22.89 14.65 2.44
C ALA C 104 21.78 13.60 2.36
N VAL C 105 22.07 12.47 1.74
CA VAL C 105 21.12 11.36 1.64
C VAL C 105 21.74 10.22 2.45
N VAL C 106 21.01 9.72 3.42
CA VAL C 106 21.50 8.65 4.28
C VAL C 106 20.71 7.39 4.03
N GLY C 107 21.35 6.42 3.40
CA GLY C 107 20.68 5.16 3.13
C GLY C 107 20.93 4.19 4.26
N GLY C 108 21.87 3.27 4.04
CA GLY C 108 22.23 2.29 5.06
C GLY C 108 22.77 2.93 6.32
N SER C 109 21.85 3.27 7.23
CA SER C 109 22.19 3.90 8.51
C SER C 109 23.33 3.14 9.23
N GLY C 110 23.41 1.84 8.98
CA GLY C 110 24.46 1.02 9.59
C GLY C 110 24.56 1.11 11.10
N GLY C 111 23.42 1.24 11.77
CA GLY C 111 23.41 1.32 13.22
C GLY C 111 23.80 2.64 13.87
N GLU C 112 24.71 3.39 13.24
CA GLU C 112 25.17 4.67 13.77
C GLU C 112 24.40 5.90 13.28
N LEU C 113 23.11 5.72 12.99
CA LEU C 113 22.29 6.80 12.46
C LEU C 113 22.35 8.09 13.26
N GLN C 114 22.15 7.98 14.56
CA GLN C 114 22.17 9.15 15.42
C GLN C 114 23.48 9.95 15.33
N GLU C 115 24.61 9.27 15.29
CA GLU C 115 25.90 9.94 15.22
C GLU C 115 26.11 10.58 13.86
N ILE C 116 25.72 9.84 12.82
CA ILE C 116 25.83 10.30 11.43
C ILE C 116 25.03 11.59 11.25
N LEU C 117 23.81 11.61 11.77
CA LEU C 117 22.97 12.81 11.66
C LEU C 117 23.55 14.00 12.40
N ARG C 118 24.18 13.78 13.56
CA ARG C 118 24.76 14.88 14.32
C ARG C 118 25.88 15.50 13.52
N ILE C 119 26.76 14.64 13.03
CA ILE C 119 27.87 15.09 12.24
C ILE C 119 27.35 15.83 11.02
N ILE C 120 26.38 15.24 10.32
CA ILE C 120 25.81 15.88 9.14
C ILE C 120 25.22 17.23 9.46
N LYS C 121 24.66 17.38 10.66
CA LYS C 121 24.10 18.66 11.02
C LYS C 121 25.17 19.76 11.10
N ASP C 122 26.36 19.40 11.58
CA ASP C 122 27.46 20.35 11.72
C ASP C 122 28.11 20.76 10.39
N LYS C 123 27.83 20.00 9.34
CA LYS C 123 28.41 20.29 8.02
C LYS C 123 27.40 20.76 6.99
N LEU C 124 26.16 20.93 7.42
CA LEU C 124 25.14 21.33 6.48
C LEU C 124 25.19 22.83 6.18
N LYS C 125 25.33 23.16 4.91
CA LYS C 125 25.37 24.55 4.49
C LYS C 125 23.97 25.11 4.69
N PRO C 126 23.85 26.42 4.89
CA PRO C 126 22.51 26.96 5.09
C PRO C 126 21.62 26.61 3.88
N GLY C 127 20.36 26.26 4.14
CA GLY C 127 19.46 25.88 3.06
C GLY C 127 19.62 24.43 2.63
N GLY C 128 20.52 23.72 3.30
CA GLY C 128 20.80 22.33 3.00
C GLY C 128 19.63 21.41 3.30
N ARG C 129 19.67 20.22 2.69
CA ARG C 129 18.60 19.24 2.84
C ARG C 129 19.12 17.89 3.27
N ILE C 130 18.42 17.24 4.20
CA ILE C 130 18.78 15.89 4.65
C ILE C 130 17.60 14.96 4.29
N ILE C 131 17.89 13.80 3.72
CA ILE C 131 16.87 12.81 3.35
C ILE C 131 17.36 11.48 3.86
N VAL C 132 16.56 10.84 4.71
CA VAL C 132 16.94 9.54 5.25
C VAL C 132 16.01 8.52 4.65
N THR C 133 16.60 7.45 4.16
CA THR C 133 15.93 6.31 3.54
C THR C 133 15.73 5.25 4.63
N ALA C 134 14.48 4.88 4.92
CA ALA C 134 14.20 3.89 5.94
C ALA C 134 13.47 2.62 5.47
N ILE C 135 14.04 1.48 5.84
CA ILE C 135 13.52 0.16 5.53
C ILE C 135 13.06 -0.47 6.82
N LEU C 136 13.79 -0.19 7.89
CA LEU C 136 13.45 -0.74 9.18
C LEU C 136 12.50 0.19 9.88
N LEU C 137 11.61 -0.41 10.66
CA LEU C 137 10.63 0.33 11.42
C LEU C 137 11.33 1.23 12.44
N GLU C 138 12.44 0.76 12.99
CA GLU C 138 13.21 1.53 13.99
C GLU C 138 13.88 2.78 13.43
N THR C 139 14.38 2.67 12.20
CA THR C 139 14.99 3.79 11.51
C THR C 139 13.95 4.89 11.27
N LYS C 140 12.74 4.53 10.86
CA LYS C 140 11.69 5.53 10.63
C LYS C 140 11.49 6.33 11.89
N PHE C 141 11.43 5.66 13.03
CA PHE C 141 11.23 6.33 14.30
C PHE C 141 12.45 7.15 14.72
N GLU C 142 13.60 6.48 14.79
CA GLU C 142 14.86 7.09 15.18
C GLU C 142 15.22 8.35 14.35
N ALA C 143 15.05 8.29 13.03
CA ALA C 143 15.34 9.42 12.15
C ALA C 143 14.46 10.59 12.47
N MSE C 144 13.17 10.33 12.60
CA MSE C 144 12.20 11.37 12.94
C MSE C 144 12.59 12.06 14.22
O MSE C 144 12.62 13.28 14.29
CB MSE C 144 10.85 10.72 13.17
CG MSE C 144 10.16 10.26 11.90
SE MSE C 144 8.98 11.67 11.31
CE MSE C 144 7.91 11.70 12.95
N GLU C 145 12.89 11.24 15.22
CA GLU C 145 13.26 11.73 16.53
C GLU C 145 14.56 12.54 16.52
N CYS C 146 15.63 11.99 15.95
CA CYS C 146 16.89 12.71 15.90
C CYS C 146 16.77 14.08 15.25
N LEU C 147 16.28 14.10 14.01
CA LEU C 147 16.14 15.32 13.25
C LEU C 147 15.34 16.38 13.99
N ARG C 148 14.35 15.95 14.74
CA ARG C 148 13.53 16.87 15.50
C ARG C 148 14.33 17.41 16.68
N ASP C 149 15.12 16.53 17.31
CA ASP C 149 15.95 16.87 18.46
C ASP C 149 17.16 17.71 18.08
N LEU C 150 17.46 17.74 16.79
CA LEU C 150 18.55 18.55 16.28
C LEU C 150 17.97 19.87 15.75
N GLY C 151 16.68 20.09 16.00
CA GLY C 151 16.03 21.34 15.58
C GLY C 151 15.49 21.53 14.18
N PHE C 152 15.34 20.45 13.41
CA PHE C 152 14.81 20.57 12.04
C PHE C 152 13.31 20.35 12.03
N ASP C 153 12.64 20.85 11.00
CA ASP C 153 11.22 20.59 10.84
C ASP C 153 11.26 19.33 9.97
N VAL C 154 10.75 18.23 10.53
CA VAL C 154 10.76 16.91 9.91
C VAL C 154 9.46 16.46 9.25
N ASN C 155 9.59 15.73 8.14
CA ASN C 155 8.46 15.20 7.38
C ASN C 155 8.76 13.78 7.02
N ILE C 156 7.72 13.00 6.74
CA ILE C 156 7.89 11.61 6.35
C ILE C 156 6.84 11.22 5.31
N THR C 157 7.31 10.48 4.30
CA THR C 157 6.46 9.98 3.21
C THR C 157 6.79 8.52 2.98
N GLU C 158 5.76 7.67 3.05
CA GLU C 158 5.94 6.23 2.83
C GLU C 158 5.43 5.85 1.45
N LEU C 159 6.22 5.13 0.69
CA LEU C 159 5.81 4.70 -0.63
C LEU C 159 5.62 3.22 -0.74
N ASN C 160 4.51 2.84 -1.36
CA ASN C 160 4.19 1.46 -1.62
C ASN C 160 4.01 1.43 -3.10
N ILE C 161 4.92 0.74 -3.77
CA ILE C 161 4.92 0.67 -5.22
C ILE C 161 4.66 -0.75 -5.73
N ALA C 162 3.87 -0.86 -6.79
CA ALA C 162 3.59 -2.13 -7.41
C ALA C 162 3.83 -1.87 -8.89
N ARG C 163 4.50 -2.82 -9.55
CA ARG C 163 4.79 -2.72 -10.96
C ARG C 163 4.14 -3.90 -11.63
N GLY C 164 3.73 -3.74 -12.87
CA GLY C 164 3.09 -4.84 -13.56
C GLY C 164 4.12 -5.76 -14.16
N ARG C 165 3.87 -7.06 -14.10
CA ARG C 165 4.76 -8.02 -14.72
C ARG C 165 3.94 -8.79 -15.74
N ALA C 166 4.34 -8.66 -17.00
CA ALA C 166 3.64 -9.31 -18.10
C ALA C 166 3.84 -10.82 -18.03
N LEU C 167 2.73 -11.53 -17.85
CA LEU C 167 2.70 -12.99 -17.83
C LEU C 167 1.83 -13.34 -19.03
N ASP C 168 1.80 -14.61 -19.38
CA ASP C 168 1.00 -15.02 -20.52
C ASP C 168 -0.48 -14.79 -20.26
N ARG C 169 -0.91 -15.18 -19.07
CA ARG C 169 -2.29 -15.03 -18.63
C ARG C 169 -2.71 -13.57 -18.41
N GLY C 170 -1.74 -12.70 -18.18
CA GLY C 170 -2.05 -11.30 -17.97
C GLY C 170 -0.97 -10.55 -17.21
N THR C 171 -1.32 -9.38 -16.69
CA THR C 171 -0.42 -8.53 -15.96
C THR C 171 -0.65 -8.64 -14.48
N MSE C 172 0.26 -9.26 -13.76
CA MSE C 172 0.09 -9.33 -12.32
C MSE C 172 0.91 -8.23 -11.64
O MSE C 172 2.02 -7.89 -12.09
CB MSE C 172 0.50 -10.69 -11.78
CG MSE C 172 1.96 -10.85 -11.63
SE MSE C 172 2.35 -12.24 -10.33
CE MSE C 172 3.81 -13.10 -11.22
N MSE C 173 0.34 -7.63 -10.60
CA MSE C 173 1.01 -6.54 -9.89
C MSE C 173 1.98 -7.11 -8.88
O MSE C 173 1.60 -7.95 -8.06
CB MSE C 173 -0.02 -5.62 -9.21
CG MSE C 173 -1.02 -5.00 -10.19
SE MSE C 173 -0.10 -4.14 -11.69
CE MSE C 173 0.49 -2.47 -10.77
N VAL C 174 3.23 -6.69 -8.94
CA VAL C 174 4.24 -7.17 -8.03
C VAL C 174 4.71 -6.04 -7.13
N SER C 175 4.64 -6.29 -5.83
CA SER C 175 5.04 -5.31 -4.82
C SER C 175 6.49 -5.20 -4.48
N ARG C 176 6.86 -3.99 -4.08
CA ARG C 176 8.19 -3.64 -3.64
C ARG C 176 7.98 -3.41 -2.15
N ASN C 177 8.98 -3.70 -1.34
CA ASN C 177 8.84 -3.45 0.09
C ASN C 177 8.63 -1.97 0.34
N PRO C 178 7.83 -1.61 1.34
CA PRO C 178 7.59 -0.19 1.63
C PRO C 178 8.89 0.54 1.97
N VAL C 179 9.01 1.76 1.51
CA VAL C 179 10.19 2.57 1.80
C VAL C 179 9.71 3.92 2.31
N ALA C 180 10.28 4.38 3.43
CA ALA C 180 9.92 5.68 3.98
C ALA C 180 11.05 6.70 3.77
N LEU C 181 10.67 7.94 3.48
CA LEU C 181 11.66 8.97 3.30
C LEU C 181 11.40 9.99 4.37
N ILE C 182 12.39 10.21 5.24
CA ILE C 182 12.29 11.19 6.31
C ILE C 182 13.18 12.33 5.85
N TYR C 183 12.59 13.51 5.71
CA TYR C 183 13.32 14.66 5.20
C TYR C 183 13.12 15.96 5.98
N THR C 184 14.14 16.81 5.99
CA THR C 184 14.07 18.08 6.71
C THR C 184 13.65 19.15 5.76
N GLY C 185 13.10 20.24 6.31
CA GLY C 185 12.66 21.37 5.50
C GLY C 185 13.80 21.93 4.64
N VAL C 186 13.43 22.66 3.60
CA VAL C 186 14.38 23.29 2.69
C VAL C 186 14.66 24.70 3.21
N MSE D 1 -6.09 -18.39 13.62
CA MSE D 1 -6.15 -18.99 12.26
C MSE D 1 -4.78 -19.58 11.92
O MSE D 1 -3.77 -19.18 12.53
CB MSE D 1 -6.54 -17.91 11.26
CG MSE D 1 -6.73 -18.43 9.85
SE MSE D 1 -7.79 -17.27 8.75
CE MSE D 1 -9.30 -16.95 9.97
N ILE D 2 -4.72 -20.51 10.98
CA ILE D 2 -3.46 -21.17 10.62
C ILE D 2 -2.54 -20.22 9.86
N PRO D 3 -1.32 -19.98 10.38
CA PRO D 3 -0.37 -19.09 9.70
C PRO D 3 0.31 -19.72 8.49
N ASP D 4 0.67 -18.88 7.53
CA ASP D 4 1.30 -19.32 6.29
C ASP D 4 2.42 -20.35 6.46
N ASP D 5 3.21 -20.21 7.51
CA ASP D 5 4.34 -21.10 7.75
C ASP D 5 3.99 -22.54 8.17
N GLU D 6 2.76 -22.76 8.62
CA GLU D 6 2.35 -24.09 9.05
C GLU D 6 1.63 -24.90 7.97
N PHE D 7 1.85 -24.50 6.73
CA PHE D 7 1.28 -25.17 5.58
C PHE D 7 2.37 -25.95 4.86
N ILE D 8 1.96 -27.04 4.25
CA ILE D 8 2.83 -27.89 3.47
C ILE D 8 2.80 -27.29 2.08
N LYS D 9 3.96 -26.92 1.55
CA LYS D 9 4.06 -26.31 0.24
C LYS D 9 4.53 -27.31 -0.81
N ASN D 10 4.38 -26.93 -2.09
CA ASN D 10 4.79 -27.76 -3.20
C ASN D 10 5.26 -26.77 -4.28
N PRO D 11 6.32 -27.12 -5.03
CA PRO D 11 6.85 -26.26 -6.09
C PRO D 11 5.86 -25.84 -7.16
N SER D 12 5.13 -26.79 -7.76
CA SER D 12 4.19 -26.43 -8.81
C SER D 12 2.84 -25.85 -8.32
N VAL D 13 2.67 -25.78 -7.00
CA VAL D 13 1.44 -25.27 -6.42
C VAL D 13 1.60 -23.93 -5.70
N PRO D 14 0.92 -22.89 -6.19
CA PRO D 14 0.99 -21.55 -5.57
C PRO D 14 0.22 -21.51 -4.24
N GLY D 15 0.56 -20.54 -3.40
CA GLY D 15 -0.12 -20.38 -2.12
C GLY D 15 0.81 -20.74 -1.00
N PRO D 16 0.35 -20.73 0.26
CA PRO D 16 -1.04 -20.41 0.62
C PRO D 16 -1.36 -18.92 0.51
N THR D 17 -2.65 -18.64 0.39
CA THR D 17 -3.12 -17.27 0.32
C THR D 17 -2.64 -16.68 1.65
N ALA D 18 -2.15 -15.45 1.63
CA ALA D 18 -1.68 -14.79 2.83
C ALA D 18 -2.78 -14.85 3.87
N MSE D 19 -2.40 -15.15 5.11
CA MSE D 19 -3.34 -15.23 6.20
C MSE D 19 -4.27 -14.03 6.31
O MSE D 19 -5.46 -14.18 6.57
CB MSE D 19 -2.59 -15.38 7.51
CG MSE D 19 -3.44 -15.92 8.64
SE MSE D 19 -2.76 -15.30 10.29
CE MSE D 19 -2.38 -16.95 11.22
N GLU D 20 -3.75 -12.83 6.09
CA GLU D 20 -4.55 -11.62 6.21
C GLU D 20 -5.69 -11.60 5.17
N VAL D 21 -5.46 -12.21 4.02
CA VAL D 21 -6.45 -12.28 2.96
C VAL D 21 -7.47 -13.35 3.33
N ARG D 22 -6.99 -14.52 3.75
CA ARG D 22 -7.86 -15.61 4.18
C ARG D 22 -8.81 -15.13 5.28
N CYS D 23 -8.29 -14.27 6.14
CA CYS D 23 -9.07 -13.72 7.22
C CYS D 23 -10.25 -12.90 6.65
N LEU D 24 -9.99 -12.05 5.67
CA LEU D 24 -11.04 -11.24 5.06
C LEU D 24 -12.00 -12.08 4.23
N ILE D 25 -11.51 -13.11 3.56
CA ILE D 25 -12.39 -13.96 2.77
C ILE D 25 -13.42 -14.57 3.73
N MSE D 26 -12.97 -15.04 4.90
CA MSE D 26 -13.87 -15.65 5.88
C MSE D 26 -14.90 -14.70 6.35
O MSE D 26 -16.04 -15.07 6.53
CB MSE D 26 -13.12 -16.21 7.08
CG MSE D 26 -12.40 -17.53 6.78
SE MSE D 26 -13.46 -18.75 5.62
CE MSE D 26 -14.28 -19.81 6.93
N CYS D 27 -14.51 -13.45 6.52
CA CYS D 27 -15.44 -12.43 7.00
C CYS D 27 -16.51 -12.06 5.96
N LEU D 28 -16.11 -12.00 4.68
CA LEU D 28 -17.02 -11.67 3.60
C LEU D 28 -17.96 -12.85 3.29
N ALA D 29 -17.43 -14.06 3.40
CA ALA D 29 -18.19 -15.27 3.18
C ALA D 29 -19.28 -15.49 4.23
N GLU D 30 -19.01 -15.11 5.49
CA GLU D 30 -19.96 -15.28 6.60
C GLU D 30 -20.40 -16.75 6.66
N PRO D 31 -19.46 -17.68 6.83
CA PRO D 31 -19.71 -19.11 6.90
C PRO D 31 -20.66 -19.57 8.01
N GLY D 32 -21.74 -20.22 7.61
CA GLY D 32 -22.69 -20.76 8.57
C GLY D 32 -22.46 -22.26 8.66
N LYS D 33 -22.75 -22.86 9.82
CA LYS D 33 -22.55 -24.29 10.01
C LYS D 33 -23.37 -25.19 9.09
N ASN D 34 -24.37 -24.63 8.41
CA ASN D 34 -25.18 -25.43 7.52
C ASN D 34 -24.96 -25.05 6.07
N ASP D 35 -23.93 -24.25 5.82
CA ASP D 35 -23.62 -23.80 4.47
C ASP D 35 -22.80 -24.80 3.69
N VAL D 36 -23.04 -24.83 2.38
CA VAL D 36 -22.32 -25.68 1.45
C VAL D 36 -21.47 -24.68 0.67
N ALA D 37 -20.17 -24.93 0.62
CA ALA D 37 -19.23 -24.02 -0.03
C ALA D 37 -18.38 -24.72 -1.09
N VAL D 38 -17.98 -23.96 -2.11
CA VAL D 38 -17.10 -24.48 -3.15
C VAL D 38 -15.91 -23.55 -3.22
N ASP D 39 -14.73 -24.15 -3.37
CA ASP D 39 -13.47 -23.44 -3.47
C ASP D 39 -12.84 -23.83 -4.79
N VAL D 40 -13.02 -22.98 -5.80
CA VAL D 40 -12.48 -23.24 -7.13
C VAL D 40 -11.02 -22.81 -7.21
N GLY D 41 -10.14 -23.76 -7.46
CA GLY D 41 -8.71 -23.46 -7.50
C GLY D 41 -8.17 -23.43 -6.08
N CYS D 42 -8.34 -24.54 -5.36
CA CYS D 42 -7.93 -24.63 -3.97
C CYS D 42 -6.43 -24.50 -3.64
N GLY D 43 -5.58 -24.66 -4.64
CA GLY D 43 -4.13 -24.53 -4.42
C GLY D 43 -3.55 -25.33 -3.27
N THR D 44 -2.85 -24.63 -2.37
CA THR D 44 -2.25 -25.27 -1.21
C THR D 44 -3.31 -25.66 -0.17
N GLY D 45 -4.52 -25.13 -0.31
CA GLY D 45 -5.58 -25.46 0.63
C GLY D 45 -5.90 -24.47 1.71
N GLY D 46 -5.36 -23.26 1.60
CA GLY D 46 -5.60 -22.23 2.60
C GLY D 46 -7.05 -21.93 2.91
N VAL D 47 -7.81 -21.58 1.88
CA VAL D 47 -9.23 -21.28 2.01
C VAL D 47 -10.02 -22.53 2.38
N THR D 48 -9.65 -23.67 1.79
CA THR D 48 -10.34 -24.92 2.05
C THR D 48 -10.29 -25.29 3.54
N LEU D 49 -9.13 -25.11 4.16
CA LEU D 49 -8.93 -25.42 5.57
C LEU D 49 -9.83 -24.57 6.43
N GLU D 50 -9.84 -23.27 6.18
CA GLU D 50 -10.66 -22.36 6.96
C GLU D 50 -12.14 -22.64 6.82
N LEU D 51 -12.59 -22.87 5.60
CA LEU D 51 -14.01 -23.17 5.37
C LEU D 51 -14.40 -24.49 6.03
N ALA D 52 -13.55 -25.50 5.85
CA ALA D 52 -13.78 -26.83 6.40
C ALA D 52 -14.25 -26.78 7.86
N GLY D 53 -13.51 -26.07 8.70
CA GLY D 53 -13.90 -25.98 10.10
C GLY D 53 -15.06 -25.03 10.40
N ARG D 54 -15.83 -24.59 9.39
CA ARG D 54 -16.93 -23.65 9.65
C ARG D 54 -18.25 -23.89 8.93
N VAL D 55 -18.24 -24.66 7.85
CA VAL D 55 -19.46 -24.95 7.11
C VAL D 55 -19.80 -26.46 7.11
N ARG D 56 -20.95 -26.81 6.54
CA ARG D 56 -21.34 -28.20 6.52
C ARG D 56 -20.54 -29.02 5.52
N ARG D 57 -20.44 -28.54 4.29
CA ARG D 57 -19.70 -29.25 3.24
C ARG D 57 -18.84 -28.30 2.38
N VAL D 58 -17.66 -28.75 2.01
CA VAL D 58 -16.76 -27.97 1.20
C VAL D 58 -16.36 -28.82 0.01
N TYR D 59 -16.51 -28.27 -1.19
CA TYR D 59 -16.11 -28.95 -2.41
C TYR D 59 -14.90 -28.18 -2.89
N ALA D 60 -13.73 -28.83 -2.92
CA ALA D 60 -12.47 -28.21 -3.33
C ALA D 60 -12.10 -28.72 -4.70
N ILE D 61 -11.96 -27.80 -5.64
CA ILE D 61 -11.65 -28.14 -7.02
C ILE D 61 -10.33 -27.53 -7.50
N ASP D 62 -9.61 -28.28 -8.33
CA ASP D 62 -8.35 -27.82 -8.94
C ASP D 62 -7.95 -28.73 -10.09
N ARG D 63 -7.45 -28.15 -11.19
CA ARG D 63 -7.00 -28.94 -12.34
C ARG D 63 -5.69 -29.64 -11.98
N ASN D 64 -4.81 -28.92 -11.32
CA ASN D 64 -3.52 -29.42 -10.90
C ASN D 64 -3.64 -30.52 -9.84
N PRO D 65 -3.21 -31.75 -10.18
CA PRO D 65 -3.25 -32.90 -9.27
C PRO D 65 -2.44 -32.68 -7.99
N GLU D 66 -1.31 -31.97 -8.14
CA GLU D 66 -0.42 -31.64 -7.04
C GLU D 66 -1.14 -30.79 -6.00
N ALA D 67 -2.02 -29.91 -6.46
CA ALA D 67 -2.79 -29.03 -5.57
C ALA D 67 -3.78 -29.83 -4.73
N ILE D 68 -4.51 -30.74 -5.39
CA ILE D 68 -5.49 -31.58 -4.70
C ILE D 68 -4.72 -32.35 -3.62
N SER D 69 -3.55 -32.83 -4.02
CA SER D 69 -2.66 -33.59 -3.16
C SER D 69 -2.18 -32.76 -1.94
N THR D 70 -1.69 -31.55 -2.18
CA THR D 70 -1.23 -30.69 -1.09
C THR D 70 -2.38 -30.29 -0.16
N THR D 71 -3.55 -29.98 -0.72
CA THR D 71 -4.71 -29.60 0.08
C THR D 71 -5.07 -30.80 0.94
N GLU D 72 -5.03 -32.00 0.35
CA GLU D 72 -5.30 -33.25 1.06
C GLU D 72 -4.39 -33.38 2.29
N MSE D 73 -3.12 -33.12 2.11
CA MSE D 73 -2.15 -33.20 3.19
C MSE D 73 -2.37 -32.20 4.27
O MSE D 73 -2.26 -32.52 5.44
CB MSE D 73 -0.75 -33.00 2.68
CG MSE D 73 -0.23 -34.21 1.98
SE MSE D 73 1.63 -34.04 1.79
CE MSE D 73 1.57 -33.43 -0.17
N ASN D 74 -2.57 -30.94 3.89
CA ASN D 74 -2.80 -29.92 4.90
C ASN D 74 -4.07 -30.20 5.68
N LEU D 75 -5.06 -30.79 5.02
CA LEU D 75 -6.32 -31.13 5.68
C LEU D 75 -6.05 -32.12 6.80
N GLN D 76 -5.30 -33.17 6.49
CA GLN D 76 -4.96 -34.19 7.48
C GLN D 76 -4.16 -33.67 8.66
N ARG D 77 -3.11 -32.89 8.38
CA ARG D 77 -2.25 -32.35 9.44
C ARG D 77 -3.00 -31.53 10.46
N HIS D 78 -4.17 -31.04 10.10
CA HIS D 78 -4.95 -30.25 11.01
C HIS D 78 -6.25 -30.94 11.40
N GLY D 79 -6.37 -32.23 11.05
CA GLY D 79 -7.54 -33.02 11.40
C GLY D 79 -8.88 -32.61 10.85
N LEU D 80 -8.88 -32.10 9.63
CA LEU D 80 -10.09 -31.66 8.96
C LEU D 80 -10.19 -32.48 7.69
N GLY D 81 -11.25 -32.29 6.92
CA GLY D 81 -11.35 -33.05 5.69
C GLY D 81 -12.43 -34.08 5.61
N ASP D 82 -13.10 -34.30 6.72
CA ASP D 82 -14.18 -35.26 6.78
C ASP D 82 -15.33 -34.68 5.98
N ASN D 83 -15.48 -33.35 6.04
CA ASN D 83 -16.54 -32.69 5.31
C ASN D 83 -16.05 -32.03 4.04
N VAL D 84 -14.92 -32.48 3.50
CA VAL D 84 -14.38 -31.88 2.30
C VAL D 84 -14.33 -32.89 1.15
N THR D 85 -14.93 -32.54 0.02
CA THR D 85 -14.90 -33.38 -1.15
C THR D 85 -13.85 -32.80 -2.10
N LEU D 86 -12.76 -33.51 -2.33
CA LEU D 86 -11.74 -33.02 -3.23
C LEU D 86 -12.11 -33.47 -4.64
N MSE D 87 -11.87 -32.63 -5.63
CA MSE D 87 -12.22 -32.97 -7.00
C MSE D 87 -11.17 -32.50 -7.96
O MSE D 87 -10.96 -31.31 -8.11
CB MSE D 87 -13.51 -32.30 -7.40
CG MSE D 87 -14.77 -33.10 -7.26
SE MSE D 87 -16.20 -31.74 -7.28
CE MSE D 87 -16.03 -31.25 -5.45
N GLU D 88 -10.51 -33.43 -8.63
CA GLU D 88 -9.49 -33.06 -9.59
C GLU D 88 -10.16 -32.89 -10.95
N GLY D 89 -9.55 -32.09 -11.79
CA GLY D 89 -10.11 -31.88 -13.10
C GLY D 89 -10.52 -30.46 -13.38
N ASP D 90 -10.95 -30.27 -14.62
CA ASP D 90 -11.40 -29.00 -15.14
C ASP D 90 -12.59 -28.41 -14.37
N ALA D 91 -12.40 -27.20 -13.85
CA ALA D 91 -13.40 -26.50 -13.05
C ALA D 91 -14.85 -26.50 -13.55
N PRO D 92 -15.08 -26.10 -14.81
CA PRO D 92 -16.46 -26.08 -15.35
C PRO D 92 -17.17 -27.42 -15.27
N GLU D 93 -16.46 -28.50 -15.60
CA GLU D 93 -17.05 -29.84 -15.55
C GLU D 93 -17.39 -30.23 -14.13
N ALA D 94 -16.42 -30.07 -13.23
CA ALA D 94 -16.62 -30.40 -11.82
C ALA D 94 -17.76 -29.63 -11.19
N LEU D 95 -17.89 -28.36 -11.50
CA LEU D 95 -18.96 -27.55 -10.94
C LEU D 95 -20.34 -28.01 -11.32
N CYS D 96 -20.46 -28.67 -12.46
CA CYS D 96 -21.76 -29.17 -12.89
C CYS D 96 -22.25 -30.33 -12.04
N LYS D 97 -21.32 -31.05 -11.43
CA LYS D 97 -21.63 -32.21 -10.64
C LYS D 97 -21.87 -31.88 -9.17
N ILE D 98 -21.88 -30.61 -8.80
CA ILE D 98 -22.01 -30.24 -7.38
C ILE D 98 -23.40 -29.74 -7.02
N PRO D 99 -23.82 -29.89 -5.73
CA PRO D 99 -25.14 -29.44 -5.27
C PRO D 99 -25.18 -27.92 -5.37
N ASP D 100 -26.29 -27.30 -5.01
CA ASP D 100 -26.35 -25.85 -5.03
C ASP D 100 -25.46 -25.40 -3.87
N ILE D 101 -24.91 -24.20 -3.99
CA ILE D 101 -23.97 -23.66 -3.00
C ILE D 101 -24.39 -22.35 -2.35
N ASP D 102 -23.92 -22.16 -1.13
CA ASP D 102 -24.17 -20.97 -0.34
C ASP D 102 -23.01 -19.96 -0.48
N ILE D 103 -21.79 -20.51 -0.53
CA ILE D 103 -20.55 -19.73 -0.63
C ILE D 103 -19.66 -20.25 -1.76
N ALA D 104 -19.17 -19.35 -2.63
CA ALA D 104 -18.25 -19.72 -3.70
C ALA D 104 -17.04 -18.82 -3.66
N VAL D 105 -15.86 -19.41 -3.50
CA VAL D 105 -14.61 -18.67 -3.49
C VAL D 105 -13.86 -19.16 -4.74
N VAL D 106 -13.48 -18.22 -5.60
CA VAL D 106 -12.78 -18.57 -6.83
C VAL D 106 -11.38 -18.01 -6.77
N GLY D 107 -10.40 -18.89 -6.63
CA GLY D 107 -9.01 -18.46 -6.59
C GLY D 107 -8.42 -18.52 -7.99
N GLY D 108 -7.69 -19.58 -8.29
CA GLY D 108 -7.08 -19.74 -9.60
C GLY D 108 -8.11 -19.83 -10.72
N SER D 109 -8.48 -18.65 -11.25
CA SER D 109 -9.45 -18.55 -12.33
C SER D 109 -9.13 -19.51 -13.48
N GLY D 110 -7.85 -19.82 -13.64
CA GLY D 110 -7.41 -20.73 -14.68
C GLY D 110 -7.91 -20.41 -16.07
N GLY D 111 -7.99 -19.11 -16.41
CA GLY D 111 -8.45 -18.70 -17.74
C GLY D 111 -9.94 -18.77 -18.03
N GLU D 112 -10.64 -19.73 -17.45
CA GLU D 112 -12.07 -19.88 -17.68
C GLU D 112 -12.96 -19.15 -16.66
N LEU D 113 -12.48 -18.01 -16.15
CA LEU D 113 -13.25 -17.26 -15.16
C LEU D 113 -14.70 -16.97 -15.54
N GLN D 114 -14.91 -16.43 -16.72
CA GLN D 114 -16.23 -16.09 -17.17
C GLN D 114 -17.20 -17.28 -17.14
N GLU D 115 -16.72 -18.44 -17.60
CA GLU D 115 -17.56 -19.64 -17.61
C GLU D 115 -17.86 -20.14 -16.20
N ILE D 116 -16.82 -20.14 -15.38
CA ILE D 116 -16.94 -20.56 -13.99
C ILE D 116 -17.98 -19.72 -13.27
N LEU D 117 -17.93 -18.41 -13.46
CA LEU D 117 -18.89 -17.53 -12.80
C LEU D 117 -20.31 -17.74 -13.27
N ARG D 118 -20.51 -18.03 -14.55
CA ARG D 118 -21.86 -18.25 -15.05
C ARG D 118 -22.42 -19.49 -14.41
N ILE D 119 -21.64 -20.54 -14.42
CA ILE D 119 -22.06 -21.80 -13.81
C ILE D 119 -22.39 -21.57 -12.33
N ILE D 120 -21.46 -20.92 -11.61
CA ILE D 120 -21.68 -20.64 -10.19
C ILE D 120 -22.94 -19.83 -9.98
N LYS D 121 -23.27 -18.94 -10.90
CA LYS D 121 -24.50 -18.16 -10.73
C LYS D 121 -25.73 -19.07 -10.75
N ASP D 122 -25.70 -20.10 -11.59
CA ASP D 122 -26.84 -21.00 -11.69
C ASP D 122 -27.02 -21.94 -10.50
N LYS D 123 -25.99 -22.06 -9.66
CA LYS D 123 -26.06 -22.94 -8.50
C LYS D 123 -26.08 -22.18 -7.17
N LEU D 124 -26.12 -20.86 -7.24
CA LEU D 124 -26.08 -20.09 -6.02
C LEU D 124 -27.42 -20.06 -5.29
N LYS D 125 -27.41 -20.53 -4.05
CA LYS D 125 -28.60 -20.54 -3.23
C LYS D 125 -28.96 -19.09 -2.93
N PRO D 126 -30.23 -18.80 -2.68
CA PRO D 126 -30.58 -17.41 -2.38
C PRO D 126 -29.77 -16.93 -1.16
N GLY D 127 -29.28 -15.70 -1.22
CA GLY D 127 -28.49 -15.16 -0.13
C GLY D 127 -27.02 -15.59 -0.19
N GLY D 128 -26.67 -16.31 -1.25
CA GLY D 128 -25.32 -16.79 -1.44
C GLY D 128 -24.31 -15.71 -1.73
N ARG D 129 -23.04 -16.02 -1.50
CA ARG D 129 -21.97 -15.06 -1.71
C ARG D 129 -20.88 -15.61 -2.64
N ILE D 130 -20.38 -14.77 -3.55
CA ILE D 130 -19.28 -15.13 -4.44
C ILE D 130 -18.10 -14.19 -4.10
N ILE D 131 -16.90 -14.76 -3.98
CA ILE D 131 -15.69 -13.99 -3.69
C ILE D 131 -14.61 -14.46 -4.66
N VAL D 132 -14.11 -13.55 -5.48
CA VAL D 132 -13.06 -13.85 -6.44
C VAL D 132 -11.75 -13.23 -5.95
N THR D 133 -10.70 -14.04 -5.95
CA THR D 133 -9.35 -13.69 -5.54
C THR D 133 -8.61 -13.31 -6.82
N ALA D 134 -8.12 -12.08 -6.92
CA ALA D 134 -7.40 -11.63 -8.12
C ALA D 134 -5.95 -11.18 -7.88
N ILE D 135 -5.04 -11.76 -8.66
CA ILE D 135 -3.61 -11.47 -8.62
C ILE D 135 -3.27 -10.74 -9.91
N LEU D 136 -3.95 -11.10 -10.99
CA LEU D 136 -3.71 -10.47 -12.25
C LEU D 136 -4.64 -9.28 -12.40
N LEU D 137 -4.11 -8.27 -13.07
CA LEU D 137 -4.80 -7.04 -13.35
C LEU D 137 -6.03 -7.31 -14.22
N GLU D 138 -5.92 -8.28 -15.11
CA GLU D 138 -7.03 -8.62 -15.99
C GLU D 138 -8.16 -9.33 -15.24
N THR D 139 -7.81 -10.17 -14.26
CA THR D 139 -8.82 -10.84 -13.47
C THR D 139 -9.64 -9.79 -12.68
N LYS D 140 -8.99 -8.77 -12.13
CA LYS D 140 -9.70 -7.74 -11.36
C LYS D 140 -10.76 -7.12 -12.20
N PHE D 141 -10.40 -6.81 -13.45
CA PHE D 141 -11.33 -6.20 -14.39
C PHE D 141 -12.43 -7.17 -14.84
N GLU D 142 -12.02 -8.34 -15.36
CA GLU D 142 -12.92 -9.37 -15.85
C GLU D 142 -13.94 -9.80 -14.80
N ALA D 143 -13.51 -9.98 -13.56
CA ALA D 143 -14.39 -10.40 -12.48
C ALA D 143 -15.47 -9.36 -12.23
N MSE D 144 -15.04 -8.11 -12.11
CA MSE D 144 -15.94 -6.99 -11.88
C MSE D 144 -17.00 -6.93 -12.96
O MSE D 144 -18.19 -6.80 -12.67
CB MSE D 144 -15.16 -5.69 -11.95
CG MSE D 144 -14.25 -5.45 -10.76
SE MSE D 144 -15.16 -4.27 -9.55
CE MSE D 144 -15.43 -2.86 -10.83
N GLU D 145 -16.55 -7.03 -14.20
CA GLU D 145 -17.42 -6.98 -15.35
C GLU D 145 -18.41 -8.13 -15.42
N CYS D 146 -17.94 -9.38 -15.31
CA CYS D 146 -18.81 -10.55 -15.34
C CYS D 146 -19.91 -10.49 -14.29
N LEU D 147 -19.51 -10.38 -13.04
CA LEU D 147 -20.45 -10.30 -11.93
C LEU D 147 -21.51 -9.21 -12.12
N ARG D 148 -21.12 -8.09 -12.70
CA ARG D 148 -22.05 -7.01 -12.93
C ARG D 148 -23.00 -7.40 -14.07
N ASP D 149 -22.47 -8.08 -15.08
CA ASP D 149 -23.24 -8.51 -16.25
C ASP D 149 -24.17 -9.68 -15.92
N LEU D 150 -23.92 -10.34 -14.80
CA LEU D 150 -24.75 -11.44 -14.34
C LEU D 150 -25.78 -10.88 -13.35
N GLY D 151 -25.82 -9.55 -13.20
CA GLY D 151 -26.77 -8.91 -12.31
C GLY D 151 -26.48 -8.78 -10.82
N PHE D 152 -25.24 -8.96 -10.38
CA PHE D 152 -24.94 -8.81 -8.97
C PHE D 152 -24.46 -7.39 -8.69
N ASP D 153 -24.52 -6.98 -7.42
CA ASP D 153 -23.97 -5.69 -7.02
C ASP D 153 -22.58 -6.12 -6.59
N VAL D 154 -21.59 -5.58 -7.28
CA VAL D 154 -20.20 -5.91 -7.08
C VAL D 154 -19.39 -4.89 -6.27
N ASN D 155 -18.41 -5.40 -5.53
CA ASN D 155 -17.51 -4.59 -4.71
C ASN D 155 -16.11 -5.13 -4.87
N ILE D 156 -15.13 -4.29 -4.58
CA ILE D 156 -13.73 -4.67 -4.68
C ILE D 156 -12.92 -4.01 -3.56
N THR D 157 -12.01 -4.79 -2.96
CA THR D 157 -11.12 -4.33 -1.91
C THR D 157 -9.71 -4.84 -2.24
N GLU D 158 -8.73 -3.95 -2.24
CA GLU D 158 -7.35 -4.33 -2.52
C GLU D 158 -6.57 -4.25 -1.22
N LEU D 159 -5.80 -5.29 -0.93
CA LEU D 159 -5.00 -5.31 0.27
C LEU D 159 -3.52 -5.30 -0.03
N ASN D 160 -2.81 -4.47 0.70
CA ASN D 160 -1.38 -4.38 0.58
C ASN D 160 -0.92 -4.62 2.01
N ILE D 161 -0.23 -5.74 2.20
CA ILE D 161 0.20 -6.15 3.51
C ILE D 161 1.70 -6.17 3.62
N ALA D 162 2.19 -5.72 4.76
CA ALA D 162 3.62 -5.74 5.06
C ALA D 162 3.75 -6.37 6.46
N ARG D 163 4.66 -7.31 6.60
CA ARG D 163 4.90 -7.98 7.86
C ARG D 163 6.31 -7.65 8.27
N GLY D 164 6.55 -7.57 9.56
CA GLY D 164 7.89 -7.27 10.02
C GLY D 164 8.74 -8.52 10.10
N ARG D 165 9.99 -8.41 9.68
CA ARG D 165 10.91 -9.53 9.78
C ARG D 165 12.04 -9.10 10.72
N ALA D 166 12.19 -9.84 11.80
CA ALA D 166 13.20 -9.53 12.81
C ALA D 166 14.58 -9.86 12.26
N LEU D 167 15.40 -8.82 12.16
CA LEU D 167 16.78 -8.94 11.72
C LEU D 167 17.57 -8.48 12.94
N ASP D 168 18.88 -8.65 12.89
CA ASP D 168 19.70 -8.24 14.02
C ASP D 168 19.69 -6.75 14.20
N ARG D 169 19.83 -6.06 13.08
CA ARG D 169 19.83 -4.60 13.04
C ARG D 169 18.46 -3.97 13.38
N GLY D 170 17.39 -4.76 13.18
CA GLY D 170 16.05 -4.27 13.48
C GLY D 170 14.95 -5.00 12.73
N THR D 171 13.77 -4.39 12.70
CA THR D 171 12.60 -4.95 12.04
C THR D 171 12.36 -4.33 10.67
N MSE D 172 12.59 -5.08 9.61
CA MSE D 172 12.33 -4.53 8.28
C MSE D 172 10.96 -4.99 7.80
O MSE D 172 10.53 -6.09 8.08
CB MSE D 172 13.41 -4.90 7.30
CG MSE D 172 13.28 -6.25 6.72
SE MSE D 172 14.18 -6.37 4.95
CE MSE D 172 14.99 -8.12 5.20
N MSE D 173 10.24 -4.12 7.12
CA MSE D 173 8.91 -4.46 6.64
C MSE D 173 9.01 -5.12 5.29
O MSE D 173 9.63 -4.60 4.36
CB MSE D 173 8.03 -3.20 6.55
CG MSE D 173 7.89 -2.43 7.85
SE MSE D 173 7.27 -3.57 9.31
CE MSE D 173 5.38 -3.73 8.79
N VAL D 174 8.40 -6.29 5.19
CA VAL D 174 8.45 -7.05 3.96
C VAL D 174 7.06 -7.15 3.37
N SER D 175 6.95 -6.75 2.12
CA SER D 175 5.70 -6.75 1.41
C SER D 175 5.28 -8.05 0.78
N ARG D 176 3.97 -8.18 0.66
CA ARG D 176 3.28 -9.31 0.04
C ARG D 176 2.72 -8.65 -1.24
N ASN D 177 2.62 -9.40 -2.33
CA ASN D 177 2.05 -8.82 -3.55
C ASN D 177 0.62 -8.45 -3.27
N PRO D 178 0.12 -7.34 -3.86
CA PRO D 178 -1.26 -6.87 -3.64
C PRO D 178 -2.25 -7.92 -4.08
N VAL D 179 -3.32 -8.08 -3.31
CA VAL D 179 -4.37 -9.04 -3.64
C VAL D 179 -5.72 -8.31 -3.61
N ALA D 180 -6.53 -8.51 -4.64
CA ALA D 180 -7.84 -7.89 -4.70
C ALA D 180 -8.96 -8.94 -4.50
N LEU D 181 -10.00 -8.54 -3.77
CA LEU D 181 -11.12 -9.43 -3.52
C LEU D 181 -12.32 -8.77 -4.14
N ILE D 182 -12.92 -9.43 -5.12
CA ILE D 182 -14.10 -8.92 -5.79
C ILE D 182 -15.22 -9.77 -5.24
N TYR D 183 -16.22 -9.14 -4.64
CA TYR D 183 -17.29 -9.90 -4.02
C TYR D 183 -18.67 -9.35 -4.30
N THR D 184 -19.67 -10.23 -4.31
CA THR D 184 -21.05 -9.84 -4.58
C THR D 184 -21.77 -9.55 -3.29
N GLY D 185 -22.83 -8.76 -3.36
CA GLY D 185 -23.59 -8.44 -2.17
C GLY D 185 -24.10 -9.71 -1.46
N VAL D 186 -24.47 -9.56 -0.20
CA VAL D 186 -25.00 -10.66 0.61
C VAL D 186 -26.53 -10.64 0.46
#